data_7WJF
#
_entry.id   7WJF
#
_cell.length_a   151.718
_cell.length_b   151.718
_cell.length_c   177.681
_cell.angle_alpha   90.000
_cell.angle_beta   90.000
_cell.angle_gamma   120.000
#
_symmetry.space_group_name_H-M   'P 63 2 2'
#
loop_
_entity.id
_entity.type
_entity.pdbx_description
1 polymer Alpha-xylosidase
2 branched alpha-D-glucopyranose-(1-2)-alpha-D-glucopyranose
3 non-polymer 1,2-ETHANEDIOL
4 water water
#
_entity_poly.entity_id   1
_entity_poly.type   'polypeptide(L)'
_entity_poly.pdbx_seq_one_letter_code
;MGSSHHHHHHSSGLVPRGSHMVSELESKYMNNNIIKFDKARFTVLTEHLIRIEYSETGEFEERMTQMVQNREFSEVNFDI
IEKEETIEIITSTVHLYYNGGEFTNASLFADVKFNFSVYSNRWYFGEKSDGNLKGTTRTLDMIDGECPLEDGIMSKNGFA
VLADKGKVLTEVGDIAGNSVSTIDLYLFAYGRDYRQALKDFYQLTGNTPKLPRFALGNWWSRYYDYSDKSYLALMDKFTD
KKVPLSVSVIDMDWHKVSEVPSRFGSGWTGYSWNKKLFPNPENFIDELHQRKLKVTLNDHPADGIRAFEDPYPQVAQTLD
LNTELEEAAKFDFDNLKFRKAYFEEVHGPLEKEGVDFWWIDWQQGAISKSGVDPLWLLNHYQYQNAQKKHKNNIILSRYA
GPGSHRYPLGFSGASVISWASLDFQPYFTSTASNIGYTWWSHDIGGHMQGYKDAELSLRWLQFGVFSPINRLHSSKSEFT
SKEPWHFDAVIEQSMIDFLQLRHQLIPYLYSANLITASEGRALVEPLYYEYPMEEEAYQHRNQYLFGEQLMVAPITEKMN
SLLQMGSVEVWFPEGTWYDFFSGQPYDGKVSLKVYREITEMPVFAKAGAIIPLDKNPLKKEEIPSEIIWKIFPGADGEYL
LLEEDNETKAEFVNGIFTVTSKKESSRKHTIIYGEHEIVSAKRGEFSIDLNGKEENFDWNFSTALFRRLDIAEISYEQKD
EILQQLSLIEEHEKQVAFIKTNENQELQNSLFELLYSGK
;
_entity_poly.pdbx_strand_id   A
#
# COMPACT_ATOMS: atom_id res chain seq x y z
N ASN A 31 -9.52 2.27 -37.19
CA ASN A 31 -9.26 0.85 -36.80
C ASN A 31 -10.55 0.02 -36.97
N ASN A 32 -10.44 -1.31 -37.14
CA ASN A 32 -11.61 -2.23 -37.16
C ASN A 32 -12.24 -2.33 -35.75
N ASN A 33 -11.51 -1.91 -34.71
CA ASN A 33 -11.96 -2.03 -33.29
C ASN A 33 -12.70 -0.74 -32.92
N ILE A 34 -12.89 0.16 -33.87
CA ILE A 34 -13.63 1.43 -33.67
C ILE A 34 -14.94 1.36 -34.45
N ILE A 35 -16.07 1.70 -33.81
CA ILE A 35 -17.41 1.73 -34.46
C ILE A 35 -18.08 3.04 -34.11
N LYS A 36 -18.56 3.79 -35.10
CA LYS A 36 -19.38 5.00 -34.86
C LYS A 36 -20.83 4.64 -35.12
N PHE A 37 -21.74 5.22 -34.37
CA PHE A 37 -23.19 5.05 -34.62
C PHE A 37 -23.85 6.29 -34.02
N ASP A 38 -24.70 6.99 -34.80
CA ASP A 38 -25.39 8.23 -34.37
C ASP A 38 -24.26 9.15 -33.87
N LYS A 39 -24.36 9.73 -32.67
CA LYS A 39 -23.31 10.67 -32.20
C LYS A 39 -22.34 9.95 -31.23
N ALA A 40 -22.29 8.62 -31.28
CA ALA A 40 -21.47 7.79 -30.36
C ALA A 40 -20.27 7.17 -31.09
N ARG A 41 -19.21 6.90 -30.33
CA ARG A 41 -18.06 6.09 -30.77
C ARG A 41 -17.78 5.04 -29.71
N PHE A 42 -17.53 3.81 -30.18
CA PHE A 42 -17.26 2.59 -29.38
C PHE A 42 -15.90 2.08 -29.83
N THR A 43 -14.99 1.88 -28.90
CA THR A 43 -13.66 1.30 -29.17
C THR A 43 -13.54 0.02 -28.37
N VAL A 44 -13.45 -1.11 -29.06
CA VAL A 44 -13.28 -2.41 -28.38
C VAL A 44 -11.79 -2.57 -28.09
N LEU A 45 -11.36 -2.23 -26.88
CA LEU A 45 -9.91 -2.23 -26.54
C LEU A 45 -9.44 -3.66 -26.25
N THR A 46 -10.21 -4.41 -25.45
CA THR A 46 -10.06 -5.86 -25.23
C THR A 46 -11.45 -6.45 -25.35
N GLU A 47 -11.56 -7.77 -25.27
CA GLU A 47 -12.84 -8.50 -25.30
C GLU A 47 -13.71 -8.05 -24.11
N HIS A 48 -13.07 -7.42 -23.12
CA HIS A 48 -13.67 -7.12 -21.81
C HIS A 48 -13.58 -5.64 -21.46
N LEU A 49 -13.17 -4.77 -22.40
CA LEU A 49 -12.96 -3.33 -22.14
C LEU A 49 -13.41 -2.52 -23.37
N ILE A 50 -14.47 -1.75 -23.22
CA ILE A 50 -15.02 -0.93 -24.32
C ILE A 50 -15.06 0.53 -23.89
N ARG A 51 -14.43 1.41 -24.67
CA ARG A 51 -14.55 2.88 -24.53
C ARG A 51 -15.83 3.31 -25.23
N ILE A 52 -16.59 4.16 -24.57
CA ILE A 52 -17.91 4.63 -25.02
C ILE A 52 -17.86 6.15 -25.01
N GLU A 53 -18.07 6.78 -26.16
CA GLU A 53 -17.96 8.25 -26.27
C GLU A 53 -19.24 8.81 -26.89
N TYR A 54 -19.58 10.02 -26.49
CA TYR A 54 -20.58 10.89 -27.14
C TYR A 54 -19.90 12.20 -27.54
N SER A 55 -20.20 12.69 -28.74
CA SER A 55 -19.76 14.01 -29.25
C SER A 55 -20.92 14.69 -29.98
N GLU A 56 -21.27 15.89 -29.56
CA GLU A 56 -22.27 16.76 -30.22
C GLU A 56 -21.69 17.26 -31.55
N THR A 57 -20.37 17.44 -31.63
CA THR A 57 -19.67 18.09 -32.78
C THR A 57 -19.24 17.07 -33.84
N GLY A 58 -19.40 15.76 -33.61
CA GLY A 58 -18.89 14.70 -34.50
C GLY A 58 -17.38 14.51 -34.41
N GLU A 59 -16.69 15.29 -33.58
CA GLU A 59 -15.25 15.09 -33.31
C GLU A 59 -15.10 14.30 -31.99
N PHE A 60 -14.27 13.26 -31.96
CA PHE A 60 -14.00 12.38 -30.80
C PHE A 60 -12.55 12.57 -30.34
N GLU A 61 -12.28 12.33 -29.05
CA GLU A 61 -11.04 12.74 -28.38
C GLU A 61 -9.97 11.66 -28.52
N GLU A 62 -8.84 12.00 -29.14
CA GLU A 62 -7.65 11.11 -29.26
C GLU A 62 -6.59 11.44 -28.22
N ARG A 63 -6.62 12.64 -27.65
CA ARG A 63 -5.59 13.06 -26.67
C ARG A 63 -5.71 12.22 -25.39
N MET A 64 -4.59 12.08 -24.70
CA MET A 64 -4.52 11.56 -23.31
C MET A 64 -5.36 12.49 -22.42
N THR A 65 -5.80 11.99 -21.26
CA THR A 65 -6.52 12.74 -20.21
C THR A 65 -5.74 12.61 -18.91
N GLN A 66 -6.17 13.30 -17.86
CA GLN A 66 -5.58 13.12 -16.51
C GLN A 66 -5.54 11.61 -16.20
N MET A 67 -6.58 10.89 -16.57
CA MET A 67 -6.68 9.45 -16.21
C MET A 67 -5.96 8.56 -17.24
N VAL A 68 -6.22 8.80 -18.52
CA VAL A 68 -5.87 7.83 -19.61
C VAL A 68 -4.59 8.26 -20.32
N GLN A 69 -3.61 7.37 -20.37
CA GLN A 69 -2.27 7.63 -20.97
C GLN A 69 -2.09 6.87 -22.28
N ASN A 70 -2.90 5.85 -22.56
CA ASN A 70 -2.62 4.93 -23.69
C ASN A 70 -3.91 4.25 -24.13
N ARG A 71 -4.28 4.39 -25.42
CA ARG A 71 -5.46 3.65 -25.94
C ARG A 71 -4.99 2.67 -27.03
N GLU A 72 -3.68 2.38 -27.11
CA GLU A 72 -3.11 1.39 -28.06
C GLU A 72 -3.21 0.01 -27.44
N PHE A 73 -4.12 -0.81 -27.96
CA PHE A 73 -4.32 -2.21 -27.51
C PHE A 73 -4.33 -3.10 -28.76
N SER A 74 -3.87 -4.34 -28.61
CA SER A 74 -3.85 -5.36 -29.68
C SER A 74 -5.29 -5.57 -30.18
N GLU A 75 -5.41 -5.99 -31.44
CA GLU A 75 -6.70 -6.17 -32.14
C GLU A 75 -7.44 -7.32 -31.45
N VAL A 76 -8.75 -7.22 -31.29
CA VAL A 76 -9.54 -8.36 -30.76
C VAL A 76 -10.70 -8.61 -31.69
N ASN A 77 -11.26 -9.80 -31.52
CA ASN A 77 -12.45 -10.24 -32.26
C ASN A 77 -13.69 -9.86 -31.46
N PHE A 78 -14.75 -9.51 -32.18
CA PHE A 78 -16.08 -9.25 -31.62
C PHE A 78 -17.07 -9.26 -32.77
N ASP A 79 -18.36 -9.19 -32.46
CA ASP A 79 -19.44 -9.21 -33.48
C ASP A 79 -20.29 -7.94 -33.32
N ILE A 80 -20.91 -7.50 -34.40
CA ILE A 80 -21.82 -6.33 -34.42
C ILE A 80 -23.14 -6.78 -35.04
N ILE A 81 -24.25 -6.37 -34.43
CA ILE A 81 -25.58 -6.34 -35.10
C ILE A 81 -25.96 -4.87 -35.25
N GLU A 82 -25.83 -4.31 -36.46
CA GLU A 82 -26.08 -2.88 -36.75
C GLU A 82 -27.36 -2.84 -37.59
N LYS A 83 -28.35 -2.07 -37.14
CA LYS A 83 -29.62 -1.87 -37.86
C LYS A 83 -29.77 -0.39 -38.14
N GLU A 84 -30.92 0.04 -38.65
CA GLU A 84 -31.22 1.46 -38.95
C GLU A 84 -31.05 2.25 -37.66
N GLU A 85 -31.68 1.80 -36.56
CA GLU A 85 -31.95 2.63 -35.35
C GLU A 85 -31.19 2.14 -34.12
N THR A 86 -30.52 0.98 -34.19
CA THR A 86 -29.89 0.34 -33.00
C THR A 86 -28.57 -0.30 -33.40
N ILE A 87 -27.70 -0.51 -32.43
CA ILE A 87 -26.44 -1.27 -32.64
C ILE A 87 -26.21 -2.10 -31.37
N GLU A 88 -25.72 -3.32 -31.57
CA GLU A 88 -25.31 -4.23 -30.47
C GLU A 88 -23.86 -4.62 -30.74
N ILE A 89 -22.99 -4.47 -29.76
CA ILE A 89 -21.59 -4.97 -29.83
C ILE A 89 -21.51 -6.19 -28.92
N ILE A 90 -20.95 -7.29 -29.43
CA ILE A 90 -20.93 -8.61 -28.73
C ILE A 90 -19.48 -9.07 -28.60
N THR A 91 -19.01 -9.23 -27.37
CA THR A 91 -17.69 -9.81 -27.08
C THR A 91 -17.91 -11.12 -26.37
N SER A 92 -16.83 -11.81 -26.04
CA SER A 92 -16.89 -13.06 -25.25
C SER A 92 -17.66 -12.82 -23.92
N THR A 93 -17.68 -11.60 -23.38
CA THR A 93 -18.23 -11.38 -22.01
C THR A 93 -19.37 -10.36 -21.96
N VAL A 94 -19.65 -9.56 -23.00
CA VAL A 94 -20.67 -8.50 -22.88
C VAL A 94 -21.43 -8.27 -24.21
N HIS A 95 -22.71 -7.96 -24.06
CA HIS A 95 -23.57 -7.35 -25.08
C HIS A 95 -23.73 -5.89 -24.71
N LEU A 96 -23.16 -4.96 -25.50
CA LEU A 96 -23.35 -3.51 -25.31
C LEU A 96 -24.39 -3.05 -26.33
N TYR A 97 -25.45 -2.40 -25.86
CA TYR A 97 -26.56 -1.93 -26.71
C TYR A 97 -26.64 -0.40 -26.71
N TYR A 98 -26.90 0.17 -27.89
CA TYR A 98 -27.14 1.62 -28.02
C TYR A 98 -28.27 1.81 -29.03
N ASN A 99 -29.35 2.45 -28.59
CA ASN A 99 -30.59 2.62 -29.39
C ASN A 99 -30.64 4.03 -30.02
N GLY A 100 -29.52 4.75 -30.02
CA GLY A 100 -29.44 6.11 -30.61
C GLY A 100 -29.98 7.20 -29.71
N GLY A 101 -29.74 8.45 -30.11
CA GLY A 101 -30.06 9.66 -29.32
C GLY A 101 -29.04 9.91 -28.23
N GLU A 102 -29.35 10.85 -27.35
CA GLU A 102 -28.55 11.13 -26.14
C GLU A 102 -28.46 9.86 -25.30
N PHE A 103 -27.34 9.71 -24.61
CA PHE A 103 -27.10 8.60 -23.67
C PHE A 103 -28.04 8.79 -22.48
N THR A 104 -28.90 7.81 -22.25
CA THR A 104 -29.80 7.72 -21.09
C THR A 104 -29.74 6.27 -20.59
N ASN A 105 -30.33 6.06 -19.44
CA ASN A 105 -30.41 4.70 -18.84
C ASN A 105 -31.21 3.80 -19.76
N ALA A 106 -32.03 4.36 -20.67
CA ALA A 106 -32.86 3.56 -21.63
C ALA A 106 -32.13 3.35 -22.98
N SER A 107 -31.27 4.29 -23.40
CA SER A 107 -30.65 4.28 -24.76
C SER A 107 -29.32 3.53 -24.78
N LEU A 108 -28.64 3.43 -23.64
CA LEU A 108 -27.27 2.86 -23.54
C LEU A 108 -27.20 1.93 -22.34
N PHE A 109 -26.96 0.65 -22.58
CA PHE A 109 -27.00 -0.38 -21.51
C PHE A 109 -26.33 -1.66 -22.01
N ALA A 110 -26.01 -2.58 -21.10
CA ALA A 110 -25.19 -3.77 -21.42
C ALA A 110 -25.61 -4.94 -20.55
N ASP A 111 -25.64 -6.15 -21.13
CA ASP A 111 -25.84 -7.44 -20.42
C ASP A 111 -24.53 -8.20 -20.41
N VAL A 112 -24.05 -8.61 -19.24
CA VAL A 112 -22.81 -9.45 -19.21
C VAL A 112 -23.20 -10.89 -19.49
N LYS A 113 -22.25 -11.62 -20.07
CA LYS A 113 -22.44 -13.07 -20.39
C LYS A 113 -21.88 -13.90 -19.24
N PHE A 114 -22.39 -13.61 -18.05
CA PHE A 114 -22.01 -14.31 -16.80
C PHE A 114 -23.28 -14.54 -16.01
N ASN A 115 -23.23 -15.45 -15.03
CA ASN A 115 -24.38 -15.71 -14.15
C ASN A 115 -23.94 -15.54 -12.69
N PHE A 116 -23.13 -14.52 -12.38
CA PHE A 116 -22.71 -14.28 -10.96
C PHE A 116 -23.91 -13.83 -10.12
N SER A 117 -24.95 -13.29 -10.71
CA SER A 117 -26.15 -12.82 -10.00
C SER A 117 -27.37 -13.29 -10.73
N VAL A 118 -28.55 -13.18 -10.11
CA VAL A 118 -29.79 -13.61 -10.79
C VAL A 118 -30.31 -12.45 -11.64
N TYR A 119 -30.26 -11.19 -11.17
CA TYR A 119 -30.80 -10.08 -12.01
C TYR A 119 -30.03 -8.79 -11.79
N SER A 120 -28.72 -8.87 -11.57
CA SER A 120 -27.79 -7.72 -11.49
C SER A 120 -26.73 -7.84 -12.58
N ASN A 121 -27.12 -8.38 -13.74
CA ASN A 121 -26.18 -8.64 -14.86
C ASN A 121 -26.33 -7.57 -15.91
N ARG A 122 -27.04 -6.47 -15.63
CA ARG A 122 -27.24 -5.40 -16.63
C ARG A 122 -26.72 -4.06 -16.13
N TRP A 123 -25.89 -3.42 -16.91
CA TRP A 123 -25.45 -2.02 -16.74
C TRP A 123 -26.42 -1.08 -17.45
N TYR A 124 -26.86 -0.02 -16.77
CA TYR A 124 -27.63 1.10 -17.41
C TYR A 124 -26.81 2.36 -17.25
N PHE A 125 -26.61 3.08 -18.34
CA PHE A 125 -25.88 4.36 -18.35
C PHE A 125 -26.42 5.24 -17.22
N GLY A 126 -25.52 5.76 -16.41
CA GLY A 126 -25.85 6.72 -15.35
C GLY A 126 -26.44 6.10 -14.09
N GLU A 127 -26.55 4.77 -13.98
CA GLU A 127 -27.16 4.11 -12.81
C GLU A 127 -26.05 3.31 -12.11
N LYS A 128 -26.20 3.09 -10.81
CA LYS A 128 -25.29 2.21 -10.04
C LYS A 128 -25.86 0.80 -10.03
N SER A 129 -25.02 -0.21 -10.12
CA SER A 129 -25.48 -1.60 -9.83
C SER A 129 -24.75 -2.12 -8.60
N ASP A 130 -25.27 -3.20 -8.03
CA ASP A 130 -24.68 -3.93 -6.90
C ASP A 130 -23.39 -4.57 -7.36
N GLY A 131 -22.55 -4.92 -6.40
CA GLY A 131 -21.44 -5.84 -6.60
C GLY A 131 -20.09 -5.17 -6.54
N ASN A 132 -20.02 -3.83 -6.66
CA ASN A 132 -18.72 -3.15 -6.75
C ASN A 132 -17.95 -3.44 -5.45
N LEU A 133 -16.70 -3.87 -5.57
CA LEU A 133 -15.85 -4.24 -4.42
C LEU A 133 -15.10 -3.03 -3.85
N LYS A 134 -15.33 -1.86 -4.40
CA LYS A 134 -14.85 -0.54 -3.95
C LYS A 134 -13.38 -0.33 -4.32
N GLY A 135 -12.88 0.89 -4.08
CA GLY A 135 -11.53 1.33 -4.45
C GLY A 135 -10.88 2.04 -3.28
N THR A 136 -10.78 3.36 -3.38
CA THR A 136 -10.14 4.15 -2.32
C THR A 136 -10.77 5.54 -2.28
N THR A 137 -10.14 6.42 -1.54
CA THR A 137 -10.62 7.81 -1.36
C THR A 137 -9.38 8.67 -1.13
N ARG A 138 -9.57 9.98 -1.21
CA ARG A 138 -8.48 10.99 -1.10
C ARG A 138 -7.63 10.76 0.15
N THR A 139 -8.26 10.54 1.29
CA THR A 139 -7.55 10.73 2.57
C THR A 139 -8.31 10.08 3.73
N LEU A 140 -7.58 9.83 4.81
CA LEU A 140 -8.15 9.41 6.10
C LEU A 140 -8.04 10.59 7.08
N ASP A 141 -7.75 11.81 6.63
CA ASP A 141 -7.81 12.98 7.52
C ASP A 141 -9.11 12.97 8.34
N MET A 142 -8.97 13.03 9.66
CA MET A 142 -10.09 13.24 10.63
C MET A 142 -10.97 11.99 10.71
N ILE A 143 -10.55 10.88 10.10
CA ILE A 143 -11.38 9.63 10.09
C ILE A 143 -11.01 8.74 11.28
N ASP A 144 -12.04 8.47 12.07
CA ASP A 144 -11.97 7.55 13.25
C ASP A 144 -12.70 6.30 12.80
N GLY A 145 -11.95 5.29 12.40
CA GLY A 145 -12.49 4.01 11.90
C GLY A 145 -12.82 4.13 10.41
N GLU A 146 -14.04 3.74 10.03
CA GLU A 146 -14.42 3.53 8.61
C GLU A 146 -14.78 4.86 8.00
N CYS A 147 -14.53 5.00 6.71
CA CYS A 147 -15.21 6.05 5.90
C CYS A 147 -15.69 5.45 4.59
N PRO A 148 -16.61 6.11 3.88
CA PRO A 148 -16.99 5.59 2.56
C PRO A 148 -15.82 5.64 1.56
N LEU A 149 -15.78 4.65 0.68
CA LEU A 149 -14.81 4.63 -0.44
C LEU A 149 -15.52 4.86 -1.78
N GLU A 150 -14.75 5.29 -2.78
CA GLU A 150 -15.25 5.38 -4.16
C GLU A 150 -15.28 3.97 -4.74
N ASP A 151 -16.05 3.79 -5.80
CA ASP A 151 -16.04 2.51 -6.55
C ASP A 151 -14.66 2.30 -7.15
N GLY A 152 -14.33 1.02 -7.38
CA GLY A 152 -13.18 0.62 -8.19
C GLY A 152 -13.65 -0.01 -9.49
N ILE A 153 -12.77 -0.74 -10.17
CA ILE A 153 -13.11 -1.38 -11.47
C ILE A 153 -13.49 -2.83 -11.21
N MET A 154 -13.46 -3.30 -9.95
CA MET A 154 -13.73 -4.72 -9.63
C MET A 154 -15.18 -4.88 -9.14
N SER A 155 -15.90 -5.88 -9.64
CA SER A 155 -17.27 -6.19 -9.19
C SER A 155 -17.45 -7.70 -9.11
N LYS A 156 -18.08 -8.16 -8.04
CA LYS A 156 -18.47 -9.57 -7.87
C LYS A 156 -19.41 -9.98 -9.00
N ASN A 157 -20.16 -9.04 -9.58
CA ASN A 157 -21.12 -9.36 -10.66
C ASN A 157 -20.46 -9.28 -12.04
N GLY A 158 -19.19 -8.85 -12.11
CA GLY A 158 -18.33 -9.01 -13.31
C GLY A 158 -18.23 -7.78 -14.20
N PHE A 159 -18.83 -6.63 -13.85
CA PHE A 159 -18.69 -5.39 -14.67
C PHE A 159 -18.61 -4.15 -13.79
N ALA A 160 -17.97 -3.15 -14.35
CA ALA A 160 -17.79 -1.83 -13.70
C ALA A 160 -17.63 -0.80 -14.81
N VAL A 161 -18.07 0.43 -14.58
CA VAL A 161 -17.85 1.54 -15.54
C VAL A 161 -16.98 2.59 -14.85
N LEU A 162 -15.95 3.00 -15.54
CA LEU A 162 -15.01 4.04 -15.10
C LEU A 162 -15.18 5.24 -16.02
N ALA A 163 -15.86 6.29 -15.54
CA ALA A 163 -16.14 7.52 -16.29
C ALA A 163 -14.85 8.33 -16.36
N ASP A 164 -14.49 8.82 -17.54
CA ASP A 164 -13.35 9.75 -17.68
C ASP A 164 -13.92 11.18 -17.72
N LYS A 165 -13.85 11.89 -16.60
CA LYS A 165 -14.41 13.28 -16.52
C LYS A 165 -13.28 14.30 -16.51
N GLY A 166 -12.07 13.86 -16.77
CA GLY A 166 -10.89 14.72 -16.66
C GLY A 166 -10.70 15.60 -17.87
N LYS A 167 -9.76 16.53 -17.72
CA LYS A 167 -9.27 17.39 -18.81
C LYS A 167 -8.34 16.57 -19.70
N VAL A 168 -8.17 17.04 -20.94
CA VAL A 168 -7.17 16.49 -21.89
C VAL A 168 -5.80 17.07 -21.58
N LEU A 169 -4.77 16.29 -21.87
CA LEU A 169 -3.36 16.68 -21.76
C LEU A 169 -2.80 16.99 -23.15
N THR A 170 -1.71 17.75 -23.17
CA THR A 170 -0.82 17.91 -24.35
C THR A 170 0.15 16.72 -24.38
N GLU A 171 0.86 16.55 -25.50
CA GLU A 171 1.85 15.46 -25.70
C GLU A 171 2.86 15.44 -24.52
N VAL A 172 3.28 16.60 -24.03
CA VAL A 172 4.31 16.74 -22.95
C VAL A 172 3.66 16.65 -21.55
N GLY A 173 2.32 16.73 -21.46
CA GLY A 173 1.57 16.41 -20.23
C GLY A 173 1.07 17.63 -19.48
N ASP A 174 0.84 18.76 -20.17
CA ASP A 174 0.17 19.94 -19.57
C ASP A 174 -1.33 19.82 -19.85
N ILE A 175 -2.14 20.47 -19.02
CA ILE A 175 -3.61 20.55 -19.18
C ILE A 175 -3.90 21.33 -20.46
N ALA A 176 -4.76 20.81 -21.33
CA ALA A 176 -5.08 21.37 -22.65
C ALA A 176 -6.52 21.90 -22.67
N GLY A 177 -7.34 21.54 -21.69
CA GLY A 177 -8.73 22.00 -21.58
C GLY A 177 -9.71 20.85 -21.66
N ASN A 178 -10.92 21.12 -22.15
CA ASN A 178 -12.05 20.17 -22.21
C ASN A 178 -11.86 19.17 -23.35
N SER A 179 -12.21 17.91 -23.09
CA SER A 179 -12.28 16.85 -24.13
C SER A 179 -13.39 17.22 -25.12
N VAL A 180 -13.20 16.87 -26.38
CA VAL A 180 -14.30 16.93 -27.40
C VAL A 180 -15.24 15.73 -27.24
N SER A 181 -14.83 14.68 -26.53
CA SER A 181 -15.76 13.58 -26.13
C SER A 181 -16.46 13.97 -24.85
N THR A 182 -17.60 14.65 -24.94
CA THR A 182 -18.23 15.28 -23.76
C THR A 182 -18.76 14.20 -22.82
N ILE A 183 -18.94 12.96 -23.30
CA ILE A 183 -19.06 11.76 -22.44
C ILE A 183 -18.01 10.76 -22.90
N ASP A 184 -17.26 10.22 -21.96
CA ASP A 184 -16.13 9.30 -22.24
C ASP A 184 -16.09 8.33 -21.08
N LEU A 185 -16.49 7.07 -21.33
CA LEU A 185 -16.67 5.98 -20.33
C LEU A 185 -15.81 4.79 -20.75
N TYR A 186 -15.39 3.97 -19.77
CA TYR A 186 -14.75 2.65 -19.96
C TYR A 186 -15.60 1.60 -19.28
N LEU A 187 -16.20 0.69 -20.07
CA LEU A 187 -16.98 -0.44 -19.55
C LEU A 187 -16.02 -1.61 -19.39
N PHE A 188 -15.81 -2.03 -18.13
CA PHE A 188 -15.01 -3.22 -17.77
C PHE A 188 -15.99 -4.38 -17.59
N ALA A 189 -15.76 -5.47 -18.31
CA ALA A 189 -16.59 -6.68 -18.25
C ALA A 189 -15.66 -7.89 -18.16
N TYR A 190 -14.77 -7.88 -17.16
CA TYR A 190 -13.76 -8.94 -16.90
C TYR A 190 -14.33 -10.09 -16.05
N GLY A 191 -15.60 -10.06 -15.62
CA GLY A 191 -16.15 -11.11 -14.74
C GLY A 191 -15.43 -11.05 -13.38
N ARG A 192 -14.79 -12.12 -12.94
CA ARG A 192 -14.01 -12.15 -11.67
C ARG A 192 -12.54 -12.39 -12.00
N ASP A 193 -12.11 -12.02 -13.19
CA ASP A 193 -10.69 -12.06 -13.55
C ASP A 193 -10.11 -10.71 -13.14
N TYR A 194 -10.00 -10.50 -11.82
CA TYR A 194 -9.64 -9.18 -11.27
C TYR A 194 -8.23 -8.81 -11.68
N ARG A 195 -7.29 -9.74 -11.63
CA ARG A 195 -5.91 -9.40 -11.94
C ARG A 195 -5.80 -8.89 -13.38
N GLN A 196 -6.51 -9.50 -14.34
CA GLN A 196 -6.41 -9.07 -15.76
C GLN A 196 -7.06 -7.69 -15.90
N ALA A 197 -8.18 -7.46 -15.21
CA ALA A 197 -8.83 -6.13 -15.19
C ALA A 197 -7.81 -5.08 -14.76
N LEU A 198 -7.07 -5.34 -13.69
CA LEU A 198 -6.09 -4.37 -13.17
C LEU A 198 -4.92 -4.20 -14.15
N LYS A 199 -4.45 -5.28 -14.74
CA LYS A 199 -3.34 -5.20 -15.72
C LYS A 199 -3.78 -4.29 -16.89
N ASP A 200 -5.00 -4.44 -17.37
CA ASP A 200 -5.47 -3.69 -18.56
C ASP A 200 -5.77 -2.26 -18.15
N PHE A 201 -6.22 -2.04 -16.92
CA PHE A 201 -6.36 -0.68 -16.33
C PHE A 201 -5.00 0.02 -16.40
N TYR A 202 -3.92 -0.67 -16.03
CA TYR A 202 -2.55 -0.11 -16.04
C TYR A 202 -2.12 0.15 -17.50
N GLN A 203 -2.51 -0.71 -18.43
CA GLN A 203 -2.21 -0.44 -19.86
C GLN A 203 -2.92 0.84 -20.30
N LEU A 204 -4.16 1.08 -19.85
CA LEU A 204 -4.96 2.27 -20.22
C LEU A 204 -4.41 3.53 -19.51
N THR A 205 -4.13 3.42 -18.19
CA THR A 205 -3.84 4.63 -17.38
C THR A 205 -2.34 4.78 -17.19
N GLY A 206 -1.55 3.82 -17.65
CA GLY A 206 -0.09 3.82 -17.47
C GLY A 206 0.31 3.00 -16.26
N ASN A 207 1.43 2.30 -16.34
CA ASN A 207 1.85 1.43 -15.21
C ASN A 207 2.31 2.28 -14.03
N THR A 208 2.29 1.69 -12.84
CA THR A 208 2.93 2.35 -11.69
C THR A 208 4.42 2.44 -12.00
N PRO A 209 5.11 3.54 -11.72
CA PRO A 209 6.57 3.57 -11.84
C PRO A 209 7.22 2.69 -10.78
N LYS A 210 8.47 2.30 -11.01
CA LYS A 210 9.30 1.60 -10.00
C LYS A 210 9.55 2.57 -8.86
N LEU A 211 9.43 2.09 -7.63
CA LEU A 211 9.95 2.82 -6.46
C LEU A 211 11.46 2.60 -6.37
N PRO A 212 12.17 3.53 -5.71
CA PRO A 212 13.54 3.32 -5.29
C PRO A 212 13.54 2.42 -4.04
N ARG A 213 14.61 1.66 -3.85
CA ARG A 213 14.72 0.74 -2.70
C ARG A 213 14.56 1.51 -1.38
N PHE A 214 15.04 2.75 -1.26
CA PHE A 214 15.02 3.44 0.06
C PHE A 214 13.57 3.61 0.57
N ALA A 215 12.59 3.72 -0.32
CA ALA A 215 11.17 3.95 0.06
C ALA A 215 10.62 2.78 0.90
N LEU A 216 11.24 1.59 0.85
CA LEU A 216 10.66 0.35 1.39
C LEU A 216 11.18 0.06 2.80
N GLY A 217 12.08 0.90 3.30
CA GLY A 217 12.63 0.81 4.65
C GLY A 217 11.75 1.57 5.63
N ASN A 218 12.14 1.59 6.90
CA ASN A 218 11.42 2.36 7.95
C ASN A 218 11.63 3.86 7.72
N TRP A 219 10.55 4.62 7.87
CA TRP A 219 10.64 6.10 7.88
C TRP A 219 10.44 6.58 9.30
N TRP A 220 11.20 7.59 9.72
CA TRP A 220 10.90 8.30 10.97
C TRP A 220 10.24 9.62 10.64
N SER A 221 9.15 9.93 11.33
CA SER A 221 8.48 11.24 11.20
C SER A 221 7.82 11.60 12.52
N ARG A 222 7.77 12.88 12.83
CA ARG A 222 6.99 13.38 13.99
C ARG A 222 6.77 14.87 13.80
N TYR A 223 5.53 15.33 14.01
CA TYR A 223 5.12 16.76 14.05
C TYR A 223 5.64 17.30 15.39
N TYR A 224 6.93 17.66 15.38
CA TYR A 224 7.70 18.06 16.58
C TYR A 224 8.82 19.01 16.18
N ASP A 225 9.09 20.03 17.02
CA ASP A 225 10.01 21.14 16.68
C ASP A 225 11.42 20.74 17.07
N TYR A 226 11.93 19.70 16.45
CA TYR A 226 13.33 19.27 16.62
C TYR A 226 14.29 20.41 16.24
N SER A 227 15.49 20.40 16.82
CA SER A 227 16.66 21.17 16.31
C SER A 227 17.46 20.21 15.42
N ASP A 228 18.42 20.73 14.67
CA ASP A 228 19.43 19.87 13.98
C ASP A 228 20.04 18.91 14.99
N LYS A 229 20.42 19.41 16.16
CA LYS A 229 21.13 18.63 17.21
C LYS A 229 20.21 17.51 17.72
N SER A 230 18.96 17.82 18.06
CA SER A 230 18.09 16.79 18.69
C SER A 230 17.63 15.78 17.64
N TYR A 231 17.41 16.21 16.39
CA TYR A 231 17.08 15.27 15.29
C TYR A 231 18.26 14.31 15.11
N LEU A 232 19.52 14.78 15.02
CA LEU A 232 20.66 13.83 14.81
C LEU A 232 20.84 12.91 16.02
N ALA A 233 20.66 13.43 17.23
CA ALA A 233 20.72 12.62 18.47
C ALA A 233 19.67 11.51 18.40
N LEU A 234 18.48 11.81 17.92
CA LEU A 234 17.42 10.78 17.78
C LEU A 234 17.86 9.76 16.72
N MET A 235 18.37 10.21 15.58
CA MET A 235 18.82 9.24 14.54
C MET A 235 19.92 8.36 15.14
N ASP A 236 20.81 8.90 15.97
CA ASP A 236 21.93 8.09 16.52
C ASP A 236 21.37 7.18 17.60
N LYS A 237 20.28 7.59 18.25
CA LYS A 237 19.62 6.71 19.25
C LYS A 237 18.98 5.50 18.52
N PHE A 238 18.35 5.71 17.36
CA PHE A 238 17.82 4.59 16.54
C PHE A 238 18.95 3.60 16.30
N THR A 239 20.11 4.08 15.85
CA THR A 239 21.28 3.20 15.61
C THR A 239 21.65 2.44 16.88
N ASP A 240 21.81 3.14 18.00
CA ASP A 240 22.18 2.52 19.29
C ASP A 240 21.16 1.43 19.67
N LYS A 241 19.88 1.67 19.33
CA LYS A 241 18.74 0.79 19.72
C LYS A 241 18.53 -0.34 18.72
N LYS A 242 19.32 -0.40 17.64
CA LYS A 242 19.29 -1.49 16.63
C LYS A 242 17.99 -1.37 15.80
N VAL A 243 17.54 -0.16 15.55
CA VAL A 243 16.38 0.08 14.67
C VAL A 243 16.91 0.70 13.38
N PRO A 244 16.77 -0.02 12.25
CA PRO A 244 17.16 0.54 10.95
C PRO A 244 16.12 1.54 10.42
N LEU A 245 16.59 2.61 9.78
CA LEU A 245 15.78 3.64 9.09
C LEU A 245 16.34 3.84 7.68
N SER A 246 15.47 4.13 6.73
CA SER A 246 15.83 4.53 5.34
C SER A 246 15.54 6.00 5.14
N VAL A 247 14.50 6.55 5.81
CA VAL A 247 14.05 7.93 5.52
C VAL A 247 13.93 8.73 6.84
N SER A 248 14.40 9.95 6.77
CA SER A 248 14.28 11.04 7.78
C SER A 248 13.31 12.06 7.24
N VAL A 249 12.10 12.10 7.78
CA VAL A 249 11.12 13.15 7.48
C VAL A 249 11.36 14.29 8.46
N ILE A 250 11.33 15.50 7.94
CA ILE A 250 11.30 16.73 8.77
C ILE A 250 9.97 17.42 8.53
N ASP A 251 9.15 17.48 9.57
CA ASP A 251 7.82 18.11 9.49
C ASP A 251 7.93 19.63 9.59
N MET A 252 6.78 20.27 9.49
CA MET A 252 6.59 21.70 9.19
C MET A 252 7.39 22.64 10.13
N ASP A 253 7.78 22.22 11.32
CA ASP A 253 8.57 23.08 12.25
C ASP A 253 10.00 23.26 11.70
N TRP A 254 10.33 22.67 10.55
CA TRP A 254 11.60 23.01 9.83
C TRP A 254 11.60 24.48 9.43
N HIS A 255 10.44 25.03 9.07
CA HIS A 255 10.29 26.41 8.56
C HIS A 255 9.79 27.31 9.69
N LYS A 256 9.80 28.60 9.43
CA LYS A 256 9.20 29.59 10.35
C LYS A 256 7.75 29.22 10.61
N VAL A 257 7.34 29.27 11.87
CA VAL A 257 5.89 29.11 12.23
C VAL A 257 5.46 30.29 13.09
N SER A 258 5.75 30.27 14.39
CA SER A 258 5.32 31.37 15.31
C SER A 258 6.00 32.69 14.92
N GLU A 259 7.13 32.64 14.22
CA GLU A 259 7.92 33.83 13.80
C GLU A 259 7.28 34.57 12.61
N VAL A 260 6.20 34.04 12.05
CA VAL A 260 5.52 34.69 10.90
C VAL A 260 4.63 35.79 11.44
N PRO A 261 4.80 37.06 10.98
CA PRO A 261 3.91 38.13 11.42
C PRO A 261 2.48 37.78 11.01
N SER A 262 1.56 38.02 11.92
CA SER A 262 0.12 37.65 11.74
C SER A 262 -0.49 38.39 10.56
N ARG A 263 0.03 39.56 10.13
CA ARG A 263 -0.55 40.27 8.96
CA ARG A 263 -0.50 40.28 8.95
C ARG A 263 -0.38 39.45 7.68
N PHE A 264 0.51 38.45 7.68
CA PHE A 264 0.71 37.52 6.54
C PHE A 264 -0.24 36.31 6.60
N GLY A 265 -0.99 36.15 7.68
CA GLY A 265 -1.76 34.92 7.95
C GLY A 265 -0.97 33.99 8.84
N SER A 266 -1.15 32.67 8.69
CA SER A 266 -0.51 31.67 9.58
C SER A 266 0.89 31.30 9.09
N GLY A 267 1.55 30.48 9.88
CA GLY A 267 2.85 29.86 9.59
C GLY A 267 2.68 28.45 9.02
N TRP A 268 1.47 28.07 8.63
CA TRP A 268 1.22 26.68 8.13
C TRP A 268 2.06 26.38 6.87
N THR A 269 1.95 27.24 5.86
CA THR A 269 2.84 27.28 4.67
C THR A 269 4.15 27.93 5.06
N GLY A 270 5.26 27.32 4.66
CA GLY A 270 6.57 27.98 4.82
C GLY A 270 7.65 27.39 3.94
N TYR A 271 8.59 28.24 3.53
CA TYR A 271 9.72 27.84 2.65
C TYR A 271 11.04 28.36 3.22
N SER A 272 11.03 28.88 4.44
CA SER A 272 12.18 29.56 5.10
C SER A 272 12.58 28.76 6.35
N TRP A 273 13.80 28.25 6.41
CA TRP A 273 14.32 27.53 7.60
C TRP A 273 14.14 28.40 8.84
N ASN A 274 13.73 27.77 9.93
CA ASN A 274 13.86 28.35 11.27
C ASN A 274 15.34 28.24 11.64
N LYS A 275 16.06 29.36 11.68
CA LYS A 275 17.55 29.37 11.83
C LYS A 275 17.96 29.03 13.26
N LYS A 276 17.08 29.24 14.23
CA LYS A 276 17.35 28.83 15.63
C LYS A 276 17.50 27.30 15.66
N LEU A 277 16.58 26.58 15.02
CA LEU A 277 16.56 25.10 15.05
C LEU A 277 17.56 24.53 14.03
N PHE A 278 17.72 25.16 12.88
CA PHE A 278 18.57 24.69 11.75
C PHE A 278 19.45 25.85 11.29
N PRO A 279 20.48 26.22 12.08
CA PRO A 279 21.40 27.30 11.71
C PRO A 279 22.21 27.02 10.42
N ASN A 280 22.48 25.75 10.10
CA ASN A 280 23.18 25.33 8.87
C ASN A 280 22.47 24.13 8.26
N PRO A 281 21.43 24.37 7.46
CA PRO A 281 20.62 23.29 6.88
C PRO A 281 21.44 22.30 6.05
N GLU A 282 22.32 22.79 5.17
CA GLU A 282 23.06 21.87 4.27
C GLU A 282 23.92 20.93 5.10
N ASN A 283 24.56 21.45 6.15
CA ASN A 283 25.37 20.62 7.05
C ASN A 283 24.49 19.56 7.75
N PHE A 284 23.31 19.93 8.18
CA PHE A 284 22.39 18.99 8.87
C PHE A 284 21.99 17.90 7.88
N ILE A 285 21.58 18.29 6.68
CA ILE A 285 21.19 17.30 5.63
C ILE A 285 22.43 16.44 5.27
N ASP A 286 23.62 17.04 5.20
CA ASP A 286 24.85 16.25 4.96
C ASP A 286 25.00 15.18 6.04
N GLU A 287 24.77 15.51 7.32
CA GLU A 287 24.84 14.56 8.46
C GLU A 287 23.83 13.42 8.26
N LEU A 288 22.62 13.73 7.80
CA LEU A 288 21.63 12.66 7.54
C LEU A 288 22.11 11.80 6.36
N HIS A 289 22.64 12.44 5.31
CA HIS A 289 23.16 11.70 4.14
C HIS A 289 24.32 10.79 4.58
N GLN A 290 25.17 11.21 5.52
CA GLN A 290 26.32 10.38 5.98
C GLN A 290 25.77 9.15 6.70
N ARG A 291 24.61 9.28 7.34
CA ARG A 291 23.94 8.15 8.05
C ARG A 291 23.11 7.31 7.03
N LYS A 292 23.20 7.58 5.72
CA LYS A 292 22.51 6.81 4.66
C LYS A 292 20.99 6.95 4.81
N LEU A 293 20.54 8.17 5.09
CA LEU A 293 19.11 8.54 5.16
C LEU A 293 18.78 9.42 3.96
N LYS A 294 17.61 9.21 3.38
CA LYS A 294 16.99 10.14 2.43
C LYS A 294 16.15 11.11 3.25
N VAL A 295 16.07 12.35 2.78
CA VAL A 295 15.51 13.48 3.56
C VAL A 295 14.35 14.08 2.80
N THR A 296 13.19 14.24 3.46
CA THR A 296 12.05 14.96 2.87
C THR A 296 11.56 16.01 3.85
N LEU A 297 11.04 17.11 3.33
CA LEU A 297 10.44 18.17 4.17
C LEU A 297 8.95 18.23 3.86
N ASN A 298 8.17 18.55 4.90
CA ASN A 298 6.74 18.88 4.78
C ASN A 298 6.56 20.19 4.01
N ASP A 299 5.71 20.14 2.99
CA ASP A 299 5.28 21.32 2.24
C ASP A 299 3.78 21.45 2.27
N HIS A 300 3.30 22.48 2.94
CA HIS A 300 1.91 22.97 2.93
C HIS A 300 1.85 24.06 1.88
N PRO A 301 1.43 23.77 0.62
CA PRO A 301 1.61 24.78 -0.42
C PRO A 301 0.58 25.91 -0.46
N ALA A 302 -0.55 25.82 0.27
CA ALA A 302 -1.78 26.56 -0.09
C ALA A 302 -1.63 28.09 0.05
N ASP A 303 -0.72 28.58 0.92
CA ASP A 303 -0.59 30.05 1.10
C ASP A 303 0.55 30.60 0.23
N GLY A 304 1.09 29.80 -0.68
CA GLY A 304 2.06 30.28 -1.69
C GLY A 304 3.28 30.92 -1.04
N ILE A 305 3.85 31.92 -1.73
CA ILE A 305 5.12 32.54 -1.30
C ILE A 305 4.83 33.99 -0.95
N ARG A 306 4.80 34.27 0.34
CA ARG A 306 4.41 35.59 0.86
C ARG A 306 5.67 36.40 1.14
N ALA A 307 5.50 37.69 1.43
CA ALA A 307 6.62 38.66 1.30
C ALA A 307 7.69 38.44 2.38
N PHE A 308 7.40 37.73 3.48
CA PHE A 308 8.39 37.44 4.56
C PHE A 308 9.33 36.31 4.15
N GLU A 309 9.05 35.51 3.11
CA GLU A 309 9.81 34.27 2.84
C GLU A 309 11.19 34.59 2.26
N ASP A 310 12.16 33.73 2.56
CA ASP A 310 13.56 33.84 2.05
C ASP A 310 13.56 33.83 0.52
N PRO A 311 12.84 32.91 -0.20
CA PRO A 311 12.77 32.99 -1.66
C PRO A 311 11.88 34.10 -2.25
N TYR A 312 11.22 34.93 -1.45
CA TYR A 312 10.22 35.87 -2.01
C TYR A 312 10.89 36.86 -2.99
N PRO A 313 12.04 37.48 -2.69
CA PRO A 313 12.62 38.46 -3.63
C PRO A 313 12.82 37.85 -5.05
N GLN A 314 13.31 36.63 -5.15
CA GLN A 314 13.56 35.98 -6.48
CA GLN A 314 13.56 35.94 -6.44
C GLN A 314 12.20 35.69 -7.14
N VAL A 315 11.24 35.10 -6.41
CA VAL A 315 9.89 34.80 -6.96
C VAL A 315 9.21 36.09 -7.42
N ALA A 316 9.30 37.16 -6.63
CA ALA A 316 8.65 38.45 -6.92
C ALA A 316 9.18 39.02 -8.25
N GLN A 317 10.50 38.91 -8.44
CA GLN A 317 11.20 39.37 -9.67
C GLN A 317 10.68 38.51 -10.85
N THR A 318 10.76 37.19 -10.73
CA THR A 318 10.28 36.24 -11.78
C THR A 318 8.82 36.52 -12.14
N LEU A 319 7.92 36.75 -11.17
CA LEU A 319 6.47 36.85 -11.45
C LEU A 319 6.00 38.31 -11.50
N ASP A 320 6.93 39.29 -11.50
CA ASP A 320 6.53 40.71 -11.64
C ASP A 320 5.51 41.09 -10.55
N LEU A 321 5.82 40.75 -9.30
CA LEU A 321 4.96 41.13 -8.15
C LEU A 321 5.33 42.53 -7.68
N ASN A 322 4.35 43.22 -7.13
CA ASN A 322 4.45 44.55 -6.48
C ASN A 322 4.98 44.37 -5.06
N THR A 323 6.30 44.46 -4.90
CA THR A 323 6.99 44.20 -3.62
C THR A 323 6.68 45.32 -2.62
N GLU A 324 6.45 46.58 -3.03
CA GLU A 324 6.19 47.64 -2.01
C GLU A 324 4.79 47.43 -1.43
N LEU A 325 3.88 46.74 -2.14
CA LEU A 325 2.56 46.40 -1.52
C LEU A 325 2.59 44.95 -1.03
N GLU A 326 3.77 44.32 -1.06
CA GLU A 326 4.05 42.98 -0.49
C GLU A 326 3.09 41.96 -1.12
N GLU A 327 2.86 42.08 -2.42
CA GLU A 327 1.95 41.19 -3.18
C GLU A 327 2.46 39.75 -3.05
N ALA A 328 1.60 38.86 -2.56
CA ALA A 328 1.95 37.43 -2.45
C ALA A 328 1.91 36.77 -3.82
N ALA A 329 2.82 35.82 -4.04
CA ALA A 329 2.76 34.81 -5.09
C ALA A 329 1.78 33.72 -4.61
N LYS A 330 0.49 33.92 -4.90
CA LYS A 330 -0.55 33.00 -4.39
C LYS A 330 -0.39 31.67 -5.10
N PHE A 331 -0.74 30.59 -4.41
CA PHE A 331 -0.64 29.23 -4.98
C PHE A 331 -1.50 29.16 -6.23
N ASP A 332 -0.92 28.77 -7.36
CA ASP A 332 -1.70 28.69 -8.62
C ASP A 332 -0.99 27.70 -9.54
N PHE A 333 -1.30 26.42 -9.36
CA PHE A 333 -0.60 25.35 -10.10
C PHE A 333 -1.18 25.22 -11.51
N ASP A 334 -2.23 25.97 -11.87
CA ASP A 334 -2.71 26.09 -13.27
C ASP A 334 -1.73 26.94 -14.07
N ASN A 335 -0.94 27.78 -13.40
CA ASN A 335 -0.06 28.80 -14.00
C ASN A 335 1.36 28.24 -14.22
N LEU A 336 1.79 28.19 -15.49
CA LEU A 336 3.13 27.66 -15.85
C LEU A 336 4.21 28.47 -15.12
N LYS A 337 4.07 29.80 -15.04
CA LYS A 337 5.18 30.63 -14.46
C LYS A 337 5.27 30.36 -12.95
N PHE A 338 4.11 30.22 -12.31
CA PHE A 338 4.05 29.90 -10.87
C PHE A 338 4.73 28.56 -10.65
N ARG A 339 4.40 27.55 -11.45
CA ARG A 339 4.97 26.19 -11.24
C ARG A 339 6.48 26.26 -11.39
N LYS A 340 6.94 26.97 -12.44
CA LYS A 340 8.39 27.09 -12.69
C LYS A 340 9.05 27.77 -11.47
N ALA A 341 8.48 28.85 -10.97
CA ALA A 341 9.07 29.59 -9.83
C ALA A 341 9.06 28.69 -8.57
N TYR A 342 7.95 27.98 -8.37
CA TYR A 342 7.83 27.00 -7.26
C TYR A 342 8.93 25.94 -7.32
N PHE A 343 9.11 25.26 -8.46
CA PHE A 343 10.13 24.19 -8.57
C PHE A 343 11.55 24.79 -8.49
N GLU A 344 11.83 25.84 -9.27
CA GLU A 344 13.23 26.34 -9.48
C GLU A 344 13.69 27.27 -8.36
N GLU A 345 12.85 28.18 -7.90
CA GLU A 345 13.23 29.25 -6.95
C GLU A 345 12.74 28.98 -5.53
N VAL A 346 11.78 28.07 -5.31
CA VAL A 346 11.32 27.77 -3.92
C VAL A 346 11.86 26.41 -3.50
N HIS A 347 11.49 25.33 -4.21
CA HIS A 347 12.06 23.99 -3.96
C HIS A 347 13.55 23.95 -4.33
N GLY A 348 13.95 24.61 -5.42
CA GLY A 348 15.34 24.48 -5.94
C GLY A 348 16.40 24.69 -4.87
N PRO A 349 16.42 25.85 -4.16
CA PRO A 349 17.43 26.13 -3.15
C PRO A 349 17.46 25.08 -2.02
N LEU A 350 16.29 24.54 -1.65
CA LEU A 350 16.17 23.52 -0.58
C LEU A 350 16.74 22.20 -1.09
N GLU A 351 16.49 21.86 -2.35
CA GLU A 351 17.09 20.65 -2.98
C GLU A 351 18.63 20.79 -3.04
N LYS A 352 19.13 21.98 -3.35
CA LYS A 352 20.59 22.32 -3.36
C LYS A 352 21.17 22.10 -1.96
N GLU A 353 20.40 22.36 -0.90
CA GLU A 353 20.84 22.11 0.49
C GLU A 353 20.77 20.60 0.83
N GLY A 354 20.10 19.80 0.00
CA GLY A 354 20.16 18.32 0.07
C GLY A 354 18.80 17.65 0.21
N VAL A 355 17.70 18.38 0.20
CA VAL A 355 16.35 17.73 0.24
C VAL A 355 16.20 16.80 -0.97
N ASP A 356 15.89 15.54 -0.70
CA ASP A 356 15.85 14.43 -1.69
C ASP A 356 14.50 14.30 -2.41
N PHE A 357 13.40 14.60 -1.72
CA PHE A 357 12.05 14.45 -2.33
C PHE A 357 11.04 15.21 -1.47
N TRP A 358 9.84 15.44 -1.98
CA TRP A 358 8.84 16.37 -1.40
C TRP A 358 7.67 15.60 -0.79
N TRP A 359 7.37 15.97 0.46
CA TRP A 359 6.12 15.59 1.15
C TRP A 359 5.10 16.68 0.87
N ILE A 360 4.24 16.45 -0.11
CA ILE A 360 3.19 17.41 -0.50
C ILE A 360 2.01 17.16 0.46
N ASP A 361 1.71 18.13 1.32
CA ASP A 361 0.68 17.93 2.38
C ASP A 361 -0.45 18.90 2.15
N TRP A 362 -1.32 18.59 1.20
CA TRP A 362 -2.39 19.48 0.72
C TRP A 362 -3.73 19.13 1.39
N GLN A 363 -4.36 20.10 2.05
CA GLN A 363 -5.66 19.84 2.73
C GLN A 363 -6.62 20.98 2.48
N GLN A 364 -6.42 21.81 1.46
CA GLN A 364 -7.17 23.09 1.34
C GLN A 364 -8.13 23.06 0.15
N GLY A 365 -8.58 21.87 -0.26
CA GLY A 365 -9.77 21.79 -1.11
C GLY A 365 -9.44 21.44 -2.56
N ALA A 366 -10.45 21.50 -3.40
CA ALA A 366 -10.43 20.96 -4.78
C ALA A 366 -10.66 22.12 -5.78
N ILE A 367 -10.52 23.38 -5.35
CA ILE A 367 -10.93 24.55 -6.18
C ILE A 367 -9.72 25.06 -7.02
N SER A 368 -9.96 25.29 -8.31
CA SER A 368 -9.02 25.95 -9.27
C SER A 368 -9.82 26.54 -10.44
N LYS A 369 -9.24 27.52 -11.15
CA LYS A 369 -9.95 28.17 -12.29
C LYS A 369 -10.15 27.12 -13.38
N SER A 370 -9.16 26.24 -13.60
CA SER A 370 -9.20 25.20 -14.65
C SER A 370 -10.30 24.15 -14.39
N GLY A 371 -10.71 23.96 -13.13
CA GLY A 371 -11.54 22.80 -12.74
C GLY A 371 -10.71 21.56 -12.46
N VAL A 372 -9.41 21.65 -12.53
CA VAL A 372 -8.53 20.52 -12.14
C VAL A 372 -8.22 20.66 -10.64
N ASP A 373 -8.33 19.54 -9.95
CA ASP A 373 -8.05 19.50 -8.50
C ASP A 373 -6.60 19.93 -8.28
N PRO A 374 -6.33 20.96 -7.47
CA PRO A 374 -4.95 21.33 -7.15
C PRO A 374 -4.11 20.17 -6.64
N LEU A 375 -4.71 19.21 -5.95
CA LEU A 375 -3.93 18.03 -5.49
C LEU A 375 -3.43 17.22 -6.70
N TRP A 376 -4.23 17.06 -7.73
CA TRP A 376 -3.83 16.34 -8.96
C TRP A 376 -2.67 17.12 -9.63
N LEU A 377 -2.80 18.44 -9.74
CA LEU A 377 -1.76 19.28 -10.40
C LEU A 377 -0.45 19.13 -9.63
N LEU A 378 -0.50 19.21 -8.30
CA LEU A 378 0.69 19.02 -7.43
C LEU A 378 1.28 17.64 -7.68
N ASN A 379 0.48 16.58 -7.57
CA ASN A 379 1.09 15.23 -7.65
C ASN A 379 1.69 14.99 -9.05
N HIS A 380 0.96 15.34 -10.09
CA HIS A 380 1.40 15.15 -11.51
C HIS A 380 2.69 15.92 -11.78
N TYR A 381 2.68 17.22 -11.50
CA TYR A 381 3.87 18.07 -11.80
C TYR A 381 5.02 17.83 -10.82
N GLN A 382 4.76 17.64 -9.52
CA GLN A 382 5.85 17.40 -8.57
C GLN A 382 6.50 16.06 -8.86
N TYR A 383 5.71 15.01 -9.15
CA TYR A 383 6.31 13.69 -9.42
C TYR A 383 7.25 13.83 -10.63
N GLN A 384 6.79 14.49 -11.68
CA GLN A 384 7.62 14.71 -12.91
C GLN A 384 8.88 15.50 -12.51
N ASN A 385 8.72 16.62 -11.81
CA ASN A 385 9.88 17.45 -11.38
C ASN A 385 10.86 16.65 -10.52
N ALA A 386 10.41 15.72 -9.65
CA ALA A 386 11.29 14.93 -8.77
C ALA A 386 12.26 14.04 -9.55
N GLN A 387 11.92 13.69 -10.78
CA GLN A 387 12.75 12.79 -11.65
C GLN A 387 14.00 13.55 -12.12
N LYS A 388 14.05 14.88 -12.05
CA LYS A 388 15.21 15.68 -12.55
C LYS A 388 16.43 15.39 -11.67
N LYS A 389 16.27 15.39 -10.35
CA LYS A 389 17.40 15.33 -9.40
C LYS A 389 17.76 13.88 -9.05
N HIS A 390 16.86 12.92 -9.18
CA HIS A 390 17.09 11.51 -8.73
C HIS A 390 16.31 10.54 -9.61
N LYS A 391 16.89 9.37 -9.87
CA LYS A 391 16.26 8.33 -10.70
C LYS A 391 15.18 7.63 -9.88
N ASN A 392 14.00 7.44 -10.45
CA ASN A 392 12.94 6.66 -9.76
C ASN A 392 12.57 7.37 -8.45
N ASN A 393 12.52 8.69 -8.48
CA ASN A 393 12.22 9.46 -7.26
C ASN A 393 10.72 9.33 -6.94
N ILE A 394 10.36 9.74 -5.73
CA ILE A 394 8.95 9.69 -5.28
C ILE A 394 8.46 11.06 -4.85
N ILE A 395 7.16 11.11 -4.55
CA ILE A 395 6.56 12.16 -3.69
C ILE A 395 5.94 11.45 -2.50
N LEU A 396 5.34 12.23 -1.62
CA LEU A 396 4.43 11.66 -0.59
C LEU A 396 3.21 12.57 -0.57
N SER A 397 2.07 12.09 -1.04
CA SER A 397 0.88 12.97 -1.22
C SER A 397 -0.41 12.16 -1.21
N ARG A 398 -1.52 12.82 -0.92
CA ARG A 398 -2.86 12.20 -0.89
C ARG A 398 -3.28 11.73 -2.29
N TYR A 399 -4.26 10.84 -2.30
CA TYR A 399 -4.80 10.25 -3.54
C TYR A 399 -5.57 11.30 -4.36
N ALA A 400 -5.32 11.33 -5.67
CA ALA A 400 -5.85 12.38 -6.57
C ALA A 400 -6.69 11.78 -7.70
N GLY A 401 -7.30 10.63 -7.45
CA GLY A 401 -8.29 10.09 -8.39
C GLY A 401 -7.65 9.04 -9.30
N PRO A 402 -8.47 8.34 -10.10
CA PRO A 402 -7.96 7.22 -10.91
C PRO A 402 -6.85 7.69 -11.85
N GLY A 403 -5.77 6.93 -11.88
CA GLY A 403 -4.55 7.23 -12.64
C GLY A 403 -3.47 7.84 -11.79
N SER A 404 -3.80 8.39 -10.60
CA SER A 404 -2.82 9.09 -9.74
C SER A 404 -1.86 8.09 -9.08
N HIS A 405 -2.03 6.77 -9.34
CA HIS A 405 -1.01 5.76 -8.99
C HIS A 405 0.29 6.00 -9.76
N ARG A 406 0.21 6.84 -10.79
CA ARG A 406 1.42 7.18 -11.61
C ARG A 406 2.38 8.02 -10.77
N TYR A 407 1.92 8.53 -9.61
CA TYR A 407 2.68 9.51 -8.80
C TYR A 407 2.82 8.99 -7.37
N PRO A 408 3.50 7.84 -7.12
CA PRO A 408 3.66 7.34 -5.75
C PRO A 408 4.58 8.26 -4.95
N LEU A 409 4.47 8.26 -3.62
CA LEU A 409 3.64 7.38 -2.80
C LEU A 409 2.34 8.06 -2.35
N GLY A 410 1.34 7.24 -2.07
CA GLY A 410 0.10 7.68 -1.39
C GLY A 410 0.38 7.99 0.07
N PHE A 411 -0.26 9.04 0.55
CA PHE A 411 -0.16 9.54 1.94
C PHE A 411 -1.57 9.68 2.47
N SER A 412 -1.98 8.85 3.42
CA SER A 412 -3.42 8.82 3.83
C SER A 412 -3.72 9.93 4.83
N GLY A 413 -2.74 10.46 5.53
CA GLY A 413 -2.98 11.65 6.37
C GLY A 413 -3.50 11.36 7.78
N ALA A 414 -4.31 12.29 8.28
CA ALA A 414 -4.48 12.53 9.73
C ALA A 414 -5.59 11.63 10.30
N SER A 415 -5.38 10.33 10.24
CA SER A 415 -6.22 9.33 10.93
C SER A 415 -6.31 9.61 12.43
N VAL A 416 -7.46 9.28 12.99
CA VAL A 416 -7.64 9.30 14.46
C VAL A 416 -7.00 8.05 15.06
N ILE A 417 -6.26 8.23 16.16
CA ILE A 417 -5.57 7.11 16.86
C ILE A 417 -6.62 6.29 17.62
N SER A 418 -6.99 5.13 17.10
CA SER A 418 -8.04 4.30 17.72
C SER A 418 -7.93 2.88 17.19
N TRP A 419 -8.45 1.96 17.97
CA TRP A 419 -8.64 0.57 17.51
C TRP A 419 -9.51 0.56 16.26
N ALA A 420 -10.53 1.41 16.19
CA ALA A 420 -11.45 1.45 15.05
C ALA A 420 -10.68 1.81 13.78
N SER A 421 -9.80 2.79 13.85
CA SER A 421 -8.98 3.22 12.70
C SER A 421 -8.09 2.05 12.28
N LEU A 422 -7.42 1.40 13.23
CA LEU A 422 -6.55 0.26 12.87
C LEU A 422 -7.39 -0.84 12.21
N ASP A 423 -8.58 -1.12 12.76
CA ASP A 423 -9.43 -2.22 12.26
C ASP A 423 -9.91 -1.94 10.83
N PHE A 424 -9.94 -0.70 10.39
CA PHE A 424 -10.34 -0.34 9.01
C PHE A 424 -9.16 -0.47 8.05
N GLN A 425 -7.94 -0.31 8.54
CA GLN A 425 -6.80 0.05 7.68
C GLN A 425 -6.36 -1.11 6.79
N PRO A 426 -6.30 -2.39 7.21
CA PRO A 426 -5.91 -3.45 6.25
C PRO A 426 -6.89 -3.54 5.07
N TYR A 427 -8.19 -3.53 5.37
CA TYR A 427 -9.27 -3.54 4.36
C TYR A 427 -9.09 -2.37 3.39
N PHE A 428 -8.89 -1.17 3.96
CA PHE A 428 -8.65 0.06 3.17
C PHE A 428 -7.49 -0.19 2.20
N THR A 429 -6.43 -0.83 2.68
CA THR A 429 -5.16 -0.92 1.95
C THR A 429 -5.33 -1.92 0.79
N SER A 430 -5.85 -3.10 1.06
CA SER A 430 -6.02 -4.13 0.01
C SER A 430 -7.07 -3.67 -1.01
N THR A 431 -8.18 -3.07 -0.55
CA THR A 431 -9.25 -2.61 -1.45
C THR A 431 -8.70 -1.58 -2.45
N ALA A 432 -7.73 -0.74 -2.05
CA ALA A 432 -7.17 0.29 -2.94
C ALA A 432 -6.56 -0.34 -4.22
N SER A 433 -6.17 -1.60 -4.17
CA SER A 433 -5.62 -2.30 -5.37
C SER A 433 -6.69 -2.36 -6.46
N ASN A 434 -7.97 -2.27 -6.10
CA ASN A 434 -9.09 -2.32 -7.05
C ASN A 434 -9.20 -1.06 -7.91
N ILE A 435 -8.48 0.01 -7.60
CA ILE A 435 -8.34 1.20 -8.50
C ILE A 435 -6.85 1.43 -8.74
N GLY A 436 -6.04 0.39 -8.55
CA GLY A 436 -4.62 0.41 -8.93
C GLY A 436 -3.74 1.29 -8.07
N TYR A 437 -4.18 1.71 -6.88
CA TYR A 437 -3.40 2.63 -6.03
C TYR A 437 -2.75 1.84 -4.91
N THR A 438 -1.59 1.27 -5.20
CA THR A 438 -1.04 0.12 -4.43
C THR A 438 0.10 0.54 -3.51
N TRP A 439 0.38 1.85 -3.38
CA TRP A 439 1.48 2.30 -2.50
C TRP A 439 0.95 3.29 -1.45
N TRP A 440 -0.12 2.92 -0.75
CA TRP A 440 -0.56 3.75 0.40
C TRP A 440 0.48 3.70 1.55
N SER A 441 0.87 4.88 2.00
CA SER A 441 1.64 5.04 3.26
C SER A 441 0.68 5.65 4.30
N HIS A 442 0.34 4.85 5.29
CA HIS A 442 -0.45 5.29 6.47
C HIS A 442 0.48 5.76 7.58
N ASP A 443 0.04 6.74 8.36
CA ASP A 443 0.74 7.07 9.63
C ASP A 443 0.68 5.82 10.51
N ILE A 444 1.80 5.16 10.75
CA ILE A 444 1.78 3.92 11.56
C ILE A 444 1.59 4.31 13.03
N GLY A 445 0.56 3.71 13.66
CA GLY A 445 0.10 4.03 15.01
C GLY A 445 -1.01 5.08 15.05
N GLY A 446 -1.40 5.66 13.89
CA GLY A 446 -2.43 6.69 13.81
C GLY A 446 -1.86 8.08 13.96
N HIS A 447 -2.55 9.09 13.45
CA HIS A 447 -1.95 10.44 13.43
C HIS A 447 -2.27 11.19 14.72
N MET A 448 -3.54 11.39 15.00
CA MET A 448 -3.92 12.42 15.98
C MET A 448 -5.16 12.02 16.83
N GLN A 449 -5.37 12.81 17.86
CA GLN A 449 -6.55 12.67 18.74
C GLN A 449 -6.62 11.23 19.23
N GLY A 450 -7.82 10.69 19.46
CA GLY A 450 -7.90 9.31 19.96
C GLY A 450 -7.24 9.17 21.33
N TYR A 451 -6.72 7.99 21.63
CA TYR A 451 -6.49 7.50 23.01
CA TYR A 451 -6.37 7.63 23.02
C TYR A 451 -5.16 6.71 23.05
N LYS A 452 -4.50 6.72 24.20
CA LYS A 452 -3.25 5.95 24.39
C LYS A 452 -3.58 4.50 24.71
N ASP A 453 -2.87 3.60 24.07
CA ASP A 453 -2.90 2.15 24.35
C ASP A 453 -1.67 1.58 23.67
N ALA A 454 -0.67 1.18 24.44
CA ALA A 454 0.63 0.73 23.87
C ALA A 454 0.40 -0.51 22.98
N GLU A 455 -0.60 -1.31 23.29
CA GLU A 455 -0.95 -2.52 22.49
C GLU A 455 -1.47 -2.10 21.11
N LEU A 456 -2.29 -1.05 21.03
CA LEU A 456 -2.78 -0.49 19.75
C LEU A 456 -1.54 -0.06 18.95
N SER A 457 -0.63 0.68 19.55
CA SER A 457 0.62 1.11 18.85
C SER A 457 1.37 -0.11 18.29
N LEU A 458 1.54 -1.16 19.11
CA LEU A 458 2.27 -2.38 18.69
C LEU A 458 1.50 -3.09 17.57
N ARG A 459 0.20 -3.30 17.71
CA ARG A 459 -0.58 -3.96 16.63
C ARG A 459 -0.50 -3.12 15.35
N TRP A 460 -0.51 -1.78 15.46
CA TRP A 460 -0.51 -0.92 14.26
C TRP A 460 0.84 -1.08 13.54
N LEU A 461 1.93 -1.17 14.29
CA LEU A 461 3.27 -1.37 13.70
C LEU A 461 3.37 -2.74 13.04
N GLN A 462 2.82 -3.76 13.64
CA GLN A 462 2.78 -5.10 13.00
C GLN A 462 2.13 -4.99 11.61
N PHE A 463 0.96 -4.38 11.54
CA PHE A 463 0.32 -4.13 10.24
C PHE A 463 1.25 -3.33 9.32
N GLY A 464 1.79 -2.21 9.79
CA GLY A 464 2.61 -1.32 8.95
C GLY A 464 3.74 -2.10 8.30
N VAL A 465 4.39 -2.97 9.06
CA VAL A 465 5.56 -3.76 8.53
C VAL A 465 5.11 -4.63 7.36
N PHE A 466 3.86 -5.10 7.36
CA PHE A 466 3.23 -5.88 6.25
C PHE A 466 2.25 -5.02 5.45
N SER A 467 2.60 -3.75 5.26
CA SER A 467 1.83 -2.82 4.43
C SER A 467 2.77 -2.29 3.35
N PRO A 468 2.24 -1.54 2.38
CA PRO A 468 3.08 -1.05 1.27
C PRO A 468 4.30 -0.25 1.74
N ILE A 469 4.11 0.59 2.79
CA ILE A 469 5.14 1.57 3.26
C ILE A 469 5.08 1.60 4.78
N ASN A 470 6.21 1.62 5.47
CA ASN A 470 6.24 1.61 6.96
C ASN A 470 6.79 2.93 7.47
N ARG A 471 5.93 3.95 7.51
CA ARG A 471 6.28 5.33 7.94
C ARG A 471 5.67 5.61 9.32
N LEU A 472 6.52 5.68 10.34
CA LEU A 472 6.09 6.06 11.70
C LEU A 472 5.84 7.56 11.65
N HIS A 473 4.69 8.02 12.12
CA HIS A 473 4.40 9.47 12.18
C HIS A 473 3.35 9.75 13.27
N SER A 474 3.27 11.00 13.72
CA SER A 474 2.34 11.38 14.80
C SER A 474 2.18 12.91 14.84
N SER A 475 1.14 13.31 15.57
N SER A 475 1.05 13.42 15.36
CA SER A 475 0.61 14.67 15.82
CA SER A 475 0.74 14.88 15.39
C SER A 475 1.58 15.54 16.61
C SER A 475 1.54 15.55 16.52
N LYS A 476 1.19 16.81 16.76
CA LYS A 476 1.92 17.79 17.60
C LYS A 476 1.85 17.50 19.11
N SER A 477 1.26 16.43 19.56
CA SER A 477 1.18 16.12 21.01
C SER A 477 2.56 15.77 21.58
N GLU A 478 2.82 16.19 22.81
CA GLU A 478 4.02 15.72 23.57
C GLU A 478 3.90 14.22 23.85
N PHE A 479 2.72 13.62 23.66
CA PHE A 479 2.41 12.28 24.21
C PHE A 479 2.29 11.22 23.12
N THR A 480 2.47 11.57 21.83
CA THR A 480 2.15 10.59 20.73
C THR A 480 3.39 10.12 19.96
N SER A 481 4.60 10.25 20.49
CA SER A 481 5.81 9.74 19.79
C SER A 481 5.70 8.23 19.54
N LYS A 482 6.11 7.80 18.34
CA LYS A 482 6.14 6.37 17.95
C LYS A 482 7.52 5.75 18.22
N GLU A 483 8.40 6.44 18.94
CA GLU A 483 9.69 5.83 19.37
C GLU A 483 9.41 4.57 20.16
N PRO A 484 10.02 3.40 19.83
CA PRO A 484 9.78 2.20 20.62
C PRO A 484 10.01 2.36 22.13
N TRP A 485 11.02 3.14 22.51
CA TRP A 485 11.45 3.34 23.93
C TRP A 485 10.53 4.34 24.65
N HIS A 486 9.53 4.87 23.97
CA HIS A 486 8.40 5.57 24.62
C HIS A 486 7.65 4.57 25.52
N PHE A 487 7.63 3.29 25.14
CA PHE A 487 6.78 2.26 25.77
C PHE A 487 7.59 1.42 26.75
N ASP A 488 6.94 0.48 27.44
CA ASP A 488 7.61 -0.37 28.45
C ASP A 488 8.53 -1.37 27.74
N ALA A 489 9.29 -2.13 28.51
CA ALA A 489 10.39 -2.94 27.95
C ALA A 489 9.82 -4.02 27.02
N VAL A 490 8.64 -4.56 27.31
CA VAL A 490 8.01 -5.62 26.49
C VAL A 490 7.58 -5.05 25.13
N ILE A 491 6.88 -3.93 25.13
CA ILE A 491 6.41 -3.28 23.88
C ILE A 491 7.65 -2.79 23.09
N GLU A 492 8.61 -2.17 23.75
CA GLU A 492 9.81 -1.63 23.08
C GLU A 492 10.51 -2.75 22.29
N GLN A 493 10.75 -3.88 22.93
CA GLN A 493 11.54 -4.98 22.32
C GLN A 493 10.75 -5.53 21.13
N SER A 494 9.44 -5.67 21.26
CA SER A 494 8.59 -6.18 20.15
C SER A 494 8.62 -5.18 18.99
N MET A 495 8.53 -3.88 19.25
CA MET A 495 8.53 -2.88 18.17
C MET A 495 9.89 -2.93 17.46
N ILE A 496 10.98 -3.04 18.22
CA ILE A 496 12.33 -3.10 17.61
C ILE A 496 12.41 -4.36 16.73
N ASP A 497 11.92 -5.47 17.22
CA ASP A 497 11.91 -6.75 16.44
C ASP A 497 11.16 -6.55 15.11
N PHE A 498 9.95 -5.95 15.13
CA PHE A 498 9.14 -5.75 13.91
C PHE A 498 9.83 -4.76 12.97
N LEU A 499 10.46 -3.72 13.52
CA LEU A 499 11.13 -2.69 12.70
C LEU A 499 12.36 -3.31 12.02
N GLN A 500 13.06 -4.22 12.69
CA GLN A 500 14.18 -4.97 12.07
C GLN A 500 13.61 -5.89 11.01
N LEU A 501 12.45 -6.51 11.27
CA LEU A 501 11.80 -7.41 10.27
C LEU A 501 11.51 -6.65 8.97
N ARG A 502 11.06 -5.40 9.06
CA ARG A 502 10.75 -4.59 7.86
C ARG A 502 11.97 -4.56 6.93
N HIS A 503 13.14 -4.29 7.49
CA HIS A 503 14.41 -4.25 6.69
C HIS A 503 14.79 -5.66 6.20
N GLN A 504 14.49 -6.72 6.96
CA GLN A 504 14.72 -8.10 6.45
C GLN A 504 13.85 -8.33 5.22
N LEU A 505 12.68 -7.70 5.18
CA LEU A 505 11.71 -7.89 4.08
C LEU A 505 12.03 -7.01 2.86
N ILE A 506 13.02 -6.13 2.89
CA ILE A 506 13.22 -5.17 1.77
C ILE A 506 13.51 -5.95 0.47
N PRO A 507 14.34 -7.00 0.43
CA PRO A 507 14.52 -7.73 -0.83
C PRO A 507 13.18 -8.21 -1.43
N TYR A 508 12.33 -8.80 -0.58
CA TYR A 508 10.99 -9.29 -1.00
C TYR A 508 10.12 -8.14 -1.51
N LEU A 509 10.15 -7.02 -0.80
CA LEU A 509 9.34 -5.82 -1.14
C LEU A 509 9.83 -5.23 -2.46
N TYR A 510 11.14 -5.15 -2.65
CA TYR A 510 11.74 -4.47 -3.82
C TYR A 510 11.43 -5.32 -5.05
N SER A 511 11.53 -6.63 -4.93
CA SER A 511 11.20 -7.54 -6.03
C SER A 511 9.72 -7.37 -6.39
N ALA A 512 8.82 -7.34 -5.39
CA ALA A 512 7.38 -7.12 -5.64
C ALA A 512 7.15 -5.76 -6.28
N ASN A 513 7.89 -4.73 -5.82
CA ASN A 513 7.83 -3.39 -6.43
C ASN A 513 8.14 -3.48 -7.95
N LEU A 514 9.18 -4.20 -8.33
CA LEU A 514 9.53 -4.27 -9.78
C LEU A 514 8.42 -5.03 -10.51
N ILE A 515 7.75 -5.97 -9.85
CA ILE A 515 6.61 -6.74 -10.43
C ILE A 515 5.38 -5.82 -10.56
N THR A 516 5.13 -4.92 -9.60
CA THR A 516 4.06 -3.90 -9.81
C THR A 516 4.34 -3.09 -11.08
N ALA A 517 5.56 -2.60 -11.24
CA ALA A 517 5.97 -1.64 -12.30
C ALA A 517 5.93 -2.34 -13.67
N SER A 518 6.37 -3.58 -13.74
CA SER A 518 6.54 -4.28 -15.04
C SER A 518 5.34 -5.15 -15.37
N GLU A 519 4.59 -5.71 -14.40
CA GLU A 519 3.55 -6.71 -14.69
C GLU A 519 2.17 -6.29 -14.18
N GLY A 520 2.05 -5.17 -13.49
CA GLY A 520 0.75 -4.66 -13.03
C GLY A 520 0.12 -5.48 -11.92
N ARG A 521 0.94 -6.17 -11.12
CA ARG A 521 0.45 -6.94 -9.95
C ARG A 521 0.72 -6.15 -8.66
N ALA A 522 -0.34 -5.93 -7.89
CA ALA A 522 -0.26 -5.26 -6.56
C ALA A 522 0.55 -6.10 -5.58
N LEU A 523 1.34 -5.44 -4.72
CA LEU A 523 2.00 -6.10 -3.57
C LEU A 523 0.91 -6.66 -2.65
N VAL A 524 -0.07 -5.81 -2.33
CA VAL A 524 -1.17 -6.21 -1.39
C VAL A 524 -2.39 -6.52 -2.23
N GLU A 525 -2.85 -7.78 -2.18
CA GLU A 525 -4.08 -8.21 -2.87
C GLU A 525 -5.14 -8.65 -1.89
N PRO A 526 -6.40 -8.26 -2.12
CA PRO A 526 -7.51 -8.91 -1.47
C PRO A 526 -7.52 -10.42 -1.76
N LEU A 527 -8.06 -11.21 -0.86
CA LEU A 527 -8.06 -12.69 -1.04
C LEU A 527 -8.72 -13.06 -2.38
N TYR A 528 -9.74 -12.31 -2.80
CA TYR A 528 -10.58 -12.67 -3.96
C TYR A 528 -9.78 -12.49 -5.28
N TYR A 529 -8.62 -11.84 -5.30
CA TYR A 529 -7.76 -11.84 -6.52
C TYR A 529 -7.32 -13.29 -6.79
N GLU A 530 -6.83 -13.99 -5.78
CA GLU A 530 -6.31 -15.36 -5.92
C GLU A 530 -7.45 -16.36 -5.87
N TYR A 531 -8.54 -16.08 -5.14
CA TYR A 531 -9.64 -17.05 -4.84
C TYR A 531 -10.98 -16.43 -5.21
N PRO A 532 -11.20 -16.00 -6.48
CA PRO A 532 -12.41 -15.28 -6.84
C PRO A 532 -13.73 -16.02 -6.65
N MET A 533 -13.72 -17.36 -6.68
CA MET A 533 -14.95 -18.17 -6.58
C MET A 533 -15.17 -18.71 -5.16
N GLU A 534 -14.34 -18.34 -4.18
CA GLU A 534 -14.50 -18.82 -2.77
C GLU A 534 -15.28 -17.75 -2.01
N GLU A 535 -16.47 -18.05 -1.51
CA GLU A 535 -17.23 -17.01 -0.78
C GLU A 535 -16.39 -16.51 0.42
N GLU A 536 -15.61 -17.37 1.07
CA GLU A 536 -14.84 -16.95 2.26
C GLU A 536 -13.80 -15.88 1.88
N ALA A 537 -13.37 -15.79 0.63
CA ALA A 537 -12.39 -14.79 0.18
C ALA A 537 -13.00 -13.38 0.19
N TYR A 538 -14.33 -13.26 0.31
CA TYR A 538 -15.05 -11.97 0.41
C TYR A 538 -15.47 -11.71 1.87
N GLN A 539 -15.15 -12.59 2.81
CA GLN A 539 -15.70 -12.48 4.20
C GLN A 539 -14.58 -12.25 5.24
N HIS A 540 -13.37 -11.96 4.78
CA HIS A 540 -12.22 -11.70 5.69
C HIS A 540 -11.58 -10.39 5.28
N ARG A 541 -12.26 -9.28 5.57
CA ARG A 541 -11.94 -7.94 5.00
C ARG A 541 -10.47 -7.57 5.23
N ASN A 542 -9.88 -7.93 6.37
CA ASN A 542 -8.54 -7.43 6.76
C ASN A 542 -7.46 -8.44 6.37
N GLN A 543 -7.85 -9.57 5.77
CA GLN A 543 -6.89 -10.62 5.38
C GLN A 543 -6.41 -10.33 3.96
N TYR A 544 -5.14 -10.56 3.67
CA TYR A 544 -4.64 -10.21 2.33
C TYR A 544 -3.45 -11.09 1.98
N LEU A 545 -3.18 -11.16 0.67
CA LEU A 545 -1.90 -11.69 0.18
C LEU A 545 -0.88 -10.54 0.16
N PHE A 546 0.34 -10.83 0.57
CA PHE A 546 1.45 -9.86 0.68
C PHE A 546 2.57 -10.45 -0.21
N GLY A 547 2.70 -9.92 -1.43
CA GLY A 547 3.52 -10.58 -2.46
C GLY A 547 2.86 -11.90 -2.80
N GLU A 548 3.63 -12.83 -3.34
CA GLU A 548 3.07 -14.13 -3.78
C GLU A 548 3.30 -15.24 -2.75
N GLN A 549 4.06 -15.02 -1.66
CA GLN A 549 4.50 -16.16 -0.82
C GLN A 549 3.84 -16.09 0.58
N LEU A 550 3.17 -14.99 0.94
CA LEU A 550 2.76 -14.73 2.35
C LEU A 550 1.30 -14.28 2.35
N MET A 551 0.57 -14.74 3.36
CA MET A 551 -0.84 -14.37 3.59
C MET A 551 -0.89 -13.80 5.02
N VAL A 552 -1.48 -12.62 5.16
CA VAL A 552 -1.42 -11.84 6.42
C VAL A 552 -2.84 -11.69 6.97
N ALA A 553 -3.01 -11.91 8.26
CA ALA A 553 -4.27 -11.71 8.98
C ALA A 553 -3.94 -10.89 10.22
N PRO A 554 -3.80 -9.56 10.09
CA PRO A 554 -3.44 -8.73 11.22
C PRO A 554 -4.52 -8.83 12.30
N ILE A 555 -4.06 -8.70 13.55
CA ILE A 555 -4.98 -8.59 14.70
C ILE A 555 -5.21 -7.08 14.92
N THR A 556 -6.47 -6.69 14.93
CA THR A 556 -6.87 -5.26 14.98
C THR A 556 -7.92 -5.03 16.07
N GLU A 557 -7.95 -5.90 17.07
CA GLU A 557 -8.87 -5.78 18.22
C GLU A 557 -8.06 -5.98 19.49
N LYS A 558 -8.34 -5.18 20.52
CA LYS A 558 -7.70 -5.29 21.85
C LYS A 558 -7.81 -6.72 22.38
N MET A 559 -6.74 -7.19 22.99
CA MET A 559 -6.67 -8.57 23.53
C MET A 559 -7.79 -8.81 24.56
N ASN A 560 -8.18 -10.06 24.64
CA ASN A 560 -9.06 -10.63 25.68
C ASN A 560 -8.17 -10.78 26.91
N SER A 561 -8.42 -10.04 28.00
CA SER A 561 -7.52 -10.04 29.18
C SER A 561 -7.54 -11.40 29.87
N LEU A 562 -8.62 -12.18 29.75
CA LEU A 562 -8.67 -13.52 30.34
C LEU A 562 -7.68 -14.43 29.60
N LEU A 563 -7.49 -14.23 28.30
CA LEU A 563 -6.52 -15.09 27.54
C LEU A 563 -5.12 -14.46 27.45
N GLN A 564 -5.00 -13.14 27.66
CA GLN A 564 -3.76 -12.39 27.39
C GLN A 564 -3.38 -12.59 25.92
N MET A 565 -4.36 -12.71 25.03
CA MET A 565 -4.15 -12.90 23.59
C MET A 565 -5.25 -12.17 22.80
N GLY A 566 -4.85 -11.61 21.67
CA GLY A 566 -5.75 -11.07 20.63
C GLY A 566 -6.10 -12.17 19.66
N SER A 567 -7.05 -11.92 18.79
CA SER A 567 -7.48 -12.98 17.85
C SER A 567 -8.03 -12.37 16.58
N VAL A 568 -8.09 -13.21 15.55
CA VAL A 568 -8.71 -12.86 14.25
C VAL A 568 -9.19 -14.18 13.63
N GLU A 569 -10.35 -14.18 12.98
CA GLU A 569 -10.81 -15.37 12.22
C GLU A 569 -10.07 -15.37 10.87
N VAL A 570 -9.30 -16.43 10.66
CA VAL A 570 -8.49 -16.63 9.43
C VAL A 570 -9.23 -17.62 8.54
N TRP A 571 -9.30 -17.29 7.25
CA TRP A 571 -9.73 -18.27 6.23
C TRP A 571 -8.45 -18.87 5.64
N PHE A 572 -8.28 -20.17 5.79
CA PHE A 572 -7.15 -20.89 5.17
C PHE A 572 -7.66 -21.50 3.89
N PRO A 573 -7.16 -21.03 2.72
CA PRO A 573 -7.44 -21.74 1.47
C PRO A 573 -6.96 -23.20 1.48
N GLU A 574 -7.48 -23.99 0.54
CA GLU A 574 -6.99 -25.37 0.29
C GLU A 574 -5.47 -25.39 0.35
N GLY A 575 -4.90 -26.39 1.01
CA GLY A 575 -3.44 -26.53 1.07
C GLY A 575 -2.96 -26.63 2.51
N THR A 576 -1.68 -26.88 2.69
CA THR A 576 -1.04 -26.89 4.02
C THR A 576 -0.38 -25.53 4.24
N TRP A 577 -0.72 -24.86 5.34
CA TRP A 577 -0.21 -23.51 5.70
C TRP A 577 0.59 -23.62 6.99
N TYR A 578 1.60 -22.77 7.11
CA TYR A 578 2.47 -22.67 8.29
C TYR A 578 2.43 -21.22 8.74
N ASP A 579 2.32 -21.00 10.05
CA ASP A 579 2.71 -19.69 10.60
C ASP A 579 4.16 -19.37 10.17
N PHE A 580 4.35 -18.22 9.58
CA PHE A 580 5.66 -17.73 9.08
C PHE A 580 6.69 -17.71 10.21
N PHE A 581 6.27 -17.39 11.42
CA PHE A 581 7.20 -17.18 12.57
C PHE A 581 7.42 -18.49 13.33
N SER A 582 6.36 -19.25 13.62
CA SER A 582 6.42 -20.39 14.59
C SER A 582 6.48 -21.74 13.88
N GLY A 583 5.99 -21.82 12.64
CA GLY A 583 5.82 -23.09 11.95
C GLY A 583 4.56 -23.84 12.34
N GLN A 584 3.69 -23.23 13.17
CA GLN A 584 2.42 -23.87 13.52
C GLN A 584 1.72 -24.25 12.23
N PRO A 585 1.28 -25.51 12.03
CA PRO A 585 0.60 -25.88 10.79
C PRO A 585 -0.92 -25.75 10.82
N TYR A 586 -1.52 -25.55 9.65
CA TYR A 586 -2.98 -25.52 9.44
C TYR A 586 -3.34 -26.20 8.13
N ASP A 587 -4.26 -27.14 8.22
CA ASP A 587 -4.85 -27.84 7.06
C ASP A 587 -6.00 -26.98 6.51
N GLY A 588 -5.85 -26.39 5.33
CA GLY A 588 -7.01 -25.78 4.63
C GLY A 588 -7.87 -26.87 4.03
N LYS A 589 -9.06 -26.56 3.53
CA LYS A 589 -9.69 -25.25 3.59
C LYS A 589 -10.52 -25.20 4.88
N VAL A 590 -10.41 -24.11 5.63
CA VAL A 590 -11.09 -24.01 6.95
C VAL A 590 -11.13 -22.54 7.32
N SER A 591 -12.17 -22.12 8.04
CA SER A 591 -12.16 -20.81 8.76
C SER A 591 -11.99 -21.08 10.26
N LEU A 592 -11.02 -20.45 10.86
CA LEU A 592 -10.50 -20.85 12.19
C LEU A 592 -10.09 -19.55 12.88
N LYS A 593 -10.57 -19.35 14.10
CA LYS A 593 -10.15 -18.23 14.96
C LYS A 593 -8.75 -18.56 15.46
N VAL A 594 -7.81 -17.64 15.24
CA VAL A 594 -6.41 -17.80 15.70
C VAL A 594 -6.10 -16.71 16.73
N TYR A 595 -5.31 -17.11 17.71
CA TYR A 595 -4.96 -16.32 18.91
C TYR A 595 -3.46 -16.08 18.92
N ARG A 596 -3.05 -14.86 19.23
CA ARG A 596 -1.62 -14.51 19.31
C ARG A 596 -1.46 -13.57 20.51
N GLU A 597 -0.37 -13.73 21.23
CA GLU A 597 0.07 -12.71 22.22
C GLU A 597 0.29 -11.37 21.51
N ILE A 598 0.40 -10.27 22.26
CA ILE A 598 0.45 -8.95 21.62
C ILE A 598 1.75 -8.79 20.85
N THR A 599 2.76 -9.61 21.13
CA THR A 599 4.08 -9.53 20.48
C THR A 599 4.13 -10.40 19.21
N GLU A 600 3.03 -11.04 18.82
CA GLU A 600 3.07 -12.02 17.70
C GLU A 600 1.98 -11.69 16.70
N MET A 601 2.24 -11.89 15.41
CA MET A 601 1.32 -11.50 14.32
C MET A 601 0.99 -12.71 13.45
N PRO A 602 -0.29 -12.92 13.06
CA PRO A 602 -0.65 -14.04 12.17
C PRO A 602 -0.19 -13.74 10.74
N VAL A 603 0.85 -14.43 10.32
CA VAL A 603 1.40 -14.39 8.95
C VAL A 603 1.66 -15.84 8.55
N PHE A 604 1.25 -16.19 7.35
CA PHE A 604 1.25 -17.61 6.96
C PHE A 604 1.91 -17.77 5.59
N ALA A 605 2.51 -18.95 5.41
CA ALA A 605 3.15 -19.35 4.14
C ALA A 605 2.70 -20.77 3.82
N LYS A 606 2.44 -21.06 2.54
CA LYS A 606 2.08 -22.44 2.09
C LYS A 606 3.30 -23.35 2.08
N ALA A 607 3.07 -24.66 2.23
CA ALA A 607 4.08 -25.69 1.88
C ALA A 607 4.66 -25.30 0.52
N GLY A 608 5.98 -25.26 0.43
CA GLY A 608 6.75 -24.96 -0.79
C GLY A 608 7.13 -23.51 -0.87
N ALA A 609 6.63 -22.67 0.06
CA ALA A 609 6.96 -21.22 0.01
C ALA A 609 8.45 -21.06 0.17
N ILE A 610 9.02 -20.11 -0.56
CA ILE A 610 10.43 -19.65 -0.43
C ILE A 610 10.40 -18.13 -0.24
N ILE A 611 10.94 -17.66 0.87
CA ILE A 611 10.99 -16.21 1.17
C ILE A 611 12.44 -15.84 1.40
N PRO A 612 12.98 -14.91 0.60
CA PRO A 612 14.28 -14.35 0.85
C PRO A 612 14.20 -13.32 1.98
N LEU A 613 15.22 -13.28 2.82
CA LEU A 613 15.36 -12.26 3.87
C LEU A 613 16.78 -11.72 3.83
N ASP A 614 16.93 -10.42 4.08
CA ASP A 614 18.26 -9.82 4.30
C ASP A 614 18.80 -10.39 5.62
N LYS A 615 20.00 -11.00 5.60
CA LYS A 615 20.59 -11.55 6.85
C LYS A 615 21.11 -10.42 7.73
N ASN A 616 21.42 -9.27 7.16
CA ASN A 616 22.09 -8.14 7.84
C ASN A 616 21.24 -6.88 7.70
N PRO A 617 20.02 -6.87 8.27
CA PRO A 617 19.13 -5.74 8.09
C PRO A 617 19.67 -4.41 8.67
N LEU A 618 20.58 -4.46 9.64
CA LEU A 618 21.14 -3.22 10.25
C LEU A 618 22.31 -2.70 9.42
N LYS A 619 22.84 -3.51 8.51
CA LYS A 619 24.10 -3.19 7.78
C LYS A 619 23.73 -2.18 6.69
N LYS A 620 24.38 -1.03 6.67
CA LYS A 620 24.17 0.00 5.63
C LYS A 620 24.92 -0.48 4.38
N GLU A 621 24.17 -0.89 3.36
CA GLU A 621 24.73 -1.40 2.07
C GLU A 621 23.59 -1.30 1.04
N GLU A 622 23.92 -0.89 -0.19
CA GLU A 622 22.89 -0.61 -1.23
C GLU A 622 22.08 -1.88 -1.53
N ILE A 623 22.74 -3.03 -1.61
CA ILE A 623 22.02 -4.33 -1.79
C ILE A 623 22.60 -5.36 -0.82
N PRO A 624 21.79 -6.32 -0.34
CA PRO A 624 22.31 -7.26 0.65
C PRO A 624 23.51 -8.07 0.16
N SER A 625 24.55 -8.11 0.98
CA SER A 625 25.75 -8.98 0.87
C SER A 625 25.38 -10.42 1.25
N GLU A 626 24.30 -10.64 2.03
CA GLU A 626 23.86 -12.00 2.42
C GLU A 626 22.33 -12.12 2.38
N ILE A 627 21.82 -13.17 1.75
CA ILE A 627 20.36 -13.50 1.70
C ILE A 627 20.15 -14.81 2.45
N ILE A 628 19.14 -14.84 3.33
CA ILE A 628 18.59 -16.09 3.92
C ILE A 628 17.46 -16.52 3.00
N TRP A 629 17.53 -17.77 2.56
CA TRP A 629 16.45 -18.43 1.78
C TRP A 629 15.66 -19.26 2.78
N LYS A 630 14.48 -18.78 3.12
CA LYS A 630 13.61 -19.45 4.10
C LYS A 630 12.60 -20.30 3.33
N ILE A 631 12.70 -21.61 3.52
CA ILE A 631 11.96 -22.63 2.76
C ILE A 631 10.98 -23.29 3.71
N PHE A 632 9.72 -23.37 3.29
CA PHE A 632 8.64 -24.11 3.95
C PHE A 632 8.51 -25.47 3.27
N PRO A 633 8.76 -26.57 4.02
CA PRO A 633 8.66 -27.92 3.47
C PRO A 633 7.27 -28.36 3.04
N GLY A 634 7.22 -29.42 2.23
CA GLY A 634 6.01 -30.20 1.94
C GLY A 634 5.53 -30.08 0.50
N ALA A 635 6.18 -29.27 -0.34
CA ALA A 635 5.76 -29.04 -1.75
C ALA A 635 6.90 -28.38 -2.51
N ASP A 636 6.78 -28.39 -3.84
CA ASP A 636 7.72 -27.68 -4.74
C ASP A 636 7.42 -26.18 -4.62
N GLY A 637 8.39 -25.35 -4.95
CA GLY A 637 8.16 -23.91 -4.98
C GLY A 637 9.22 -23.23 -5.81
N GLU A 638 9.07 -21.93 -5.98
CA GLU A 638 10.14 -21.13 -6.58
C GLU A 638 9.88 -19.67 -6.25
N TYR A 639 10.96 -18.91 -6.29
CA TYR A 639 10.97 -17.47 -6.01
C TYR A 639 11.97 -16.82 -6.95
N LEU A 640 11.55 -15.76 -7.63
CA LEU A 640 12.45 -14.91 -8.46
C LEU A 640 12.72 -13.60 -7.70
N LEU A 641 13.96 -13.42 -7.21
CA LEU A 641 14.43 -12.16 -6.58
C LEU A 641 14.93 -11.18 -7.66
N LEU A 642 14.09 -10.23 -8.03
CA LEU A 642 14.48 -9.11 -8.92
C LEU A 642 15.22 -8.06 -8.11
N GLU A 643 16.35 -7.58 -8.62
CA GLU A 643 17.14 -6.48 -8.01
C GLU A 643 17.50 -5.44 -9.09
N GLU A 644 18.04 -4.30 -8.65
CA GLU A 644 18.47 -3.17 -9.50
C GLU A 644 19.27 -3.72 -10.70
N ASP A 645 20.24 -4.63 -10.44
CA ASP A 645 21.26 -5.09 -11.42
C ASP A 645 21.39 -6.62 -11.42
N ASN A 646 20.34 -7.37 -11.11
CA ASN A 646 20.42 -8.85 -11.09
C ASN A 646 19.03 -9.48 -11.02
N GLU A 647 18.96 -10.76 -11.34
CA GLU A 647 17.81 -11.65 -11.11
C GLU A 647 18.37 -12.96 -10.56
N THR A 648 17.83 -13.44 -9.43
CA THR A 648 18.27 -14.68 -8.75
C THR A 648 17.06 -15.58 -8.60
N LYS A 649 17.13 -16.79 -9.16
CA LYS A 649 16.02 -17.75 -9.11
C LYS A 649 16.35 -18.80 -8.06
N ALA A 650 15.42 -19.00 -7.13
CA ALA A 650 15.44 -20.09 -6.13
C ALA A 650 14.36 -21.07 -6.51
N GLU A 651 14.76 -22.32 -6.69
CA GLU A 651 13.84 -23.41 -7.12
C GLU A 651 13.89 -24.48 -6.06
N PHE A 652 12.73 -25.04 -5.73
CA PHE A 652 12.59 -26.20 -4.83
C PHE A 652 11.73 -27.24 -5.52
N VAL A 653 12.39 -28.28 -6.06
CA VAL A 653 11.77 -29.28 -6.96
C VAL A 653 12.20 -30.68 -6.50
N ASN A 654 11.25 -31.52 -6.08
CA ASN A 654 11.53 -32.91 -5.62
C ASN A 654 12.64 -32.87 -4.57
N GLY A 655 12.54 -31.94 -3.61
CA GLY A 655 13.48 -31.79 -2.49
C GLY A 655 14.86 -31.27 -2.85
N ILE A 656 15.10 -30.85 -4.09
CA ILE A 656 16.40 -30.26 -4.50
C ILE A 656 16.20 -28.74 -4.54
N PHE A 657 16.98 -27.99 -3.77
CA PHE A 657 16.95 -26.51 -3.78
C PHE A 657 18.11 -26.02 -4.64
N THR A 658 17.82 -25.23 -5.68
CA THR A 658 18.82 -24.62 -6.57
C THR A 658 18.69 -23.10 -6.53
N VAL A 659 19.83 -22.41 -6.47
CA VAL A 659 19.96 -20.94 -6.66
C VAL A 659 20.86 -20.66 -7.87
N THR A 660 20.34 -19.90 -8.83
CA THR A 660 21.08 -19.38 -10.01
C THR A 660 20.88 -17.87 -10.09
N SER A 661 21.79 -17.15 -10.72
CA SER A 661 21.62 -15.69 -10.97
C SER A 661 21.97 -15.38 -12.43
N LYS A 662 21.35 -14.35 -12.98
CA LYS A 662 21.71 -13.81 -14.31
C LYS A 662 23.20 -13.45 -14.27
N LYS A 663 23.63 -12.60 -13.34
CA LYS A 663 25.03 -12.11 -13.22
C LYS A 663 25.66 -12.71 -11.95
N GLU A 664 26.96 -12.98 -11.94
CA GLU A 664 27.67 -13.53 -10.76
C GLU A 664 27.86 -12.39 -9.76
N SER A 665 28.03 -12.71 -8.47
CA SER A 665 28.38 -11.72 -7.40
C SER A 665 29.07 -12.44 -6.24
N SER A 666 29.61 -11.63 -5.32
CA SER A 666 30.22 -12.06 -4.04
C SER A 666 29.16 -12.42 -3.00
N ARG A 667 27.87 -12.34 -3.34
CA ARG A 667 26.80 -12.51 -2.32
C ARG A 667 26.92 -13.90 -1.70
N LYS A 668 26.73 -13.98 -0.39
CA LYS A 668 26.68 -15.26 0.38
C LYS A 668 25.22 -15.59 0.71
N HIS A 669 24.82 -16.82 0.36
CA HIS A 669 23.46 -17.37 0.56
C HIS A 669 23.42 -18.23 1.83
N THR A 670 22.42 -18.01 2.66
CA THR A 670 22.11 -18.90 3.81
C THR A 670 20.80 -19.62 3.48
N ILE A 671 20.73 -20.91 3.80
CA ILE A 671 19.53 -21.73 3.57
C ILE A 671 18.98 -22.18 4.91
N ILE A 672 17.71 -21.90 5.14
CA ILE A 672 16.95 -22.39 6.31
C ILE A 672 15.83 -23.24 5.76
N TYR A 673 15.88 -24.55 6.01
CA TYR A 673 14.84 -25.52 5.59
C TYR A 673 13.99 -25.84 6.82
N GLY A 674 12.75 -25.38 6.83
CA GLY A 674 11.89 -25.37 8.02
C GLY A 674 12.59 -24.65 9.17
N GLU A 675 13.08 -25.46 10.11
CA GLU A 675 13.67 -25.11 11.42
C GLU A 675 15.16 -24.78 11.24
N HIS A 676 15.88 -25.57 10.44
CA HIS A 676 17.34 -25.77 10.56
C HIS A 676 18.08 -24.99 9.47
N GLU A 677 19.11 -24.24 9.86
CA GLU A 677 20.07 -23.63 8.91
C GLU A 677 20.90 -24.77 8.30
N ILE A 678 20.73 -25.03 7.00
CA ILE A 678 21.41 -26.14 6.28
C ILE A 678 22.76 -25.67 5.77
N VAL A 679 22.81 -24.49 5.14
CA VAL A 679 24.01 -23.92 4.48
C VAL A 679 24.18 -22.53 5.06
N SER A 680 25.39 -22.16 5.49
CA SER A 680 25.72 -20.80 5.94
C SER A 680 26.68 -20.13 4.94
N ALA A 681 26.32 -18.94 4.46
CA ALA A 681 27.24 -17.99 3.76
C ALA A 681 27.97 -18.68 2.59
N LYS A 682 27.25 -19.40 1.74
CA LYS A 682 27.80 -20.07 0.53
C LYS A 682 27.73 -19.10 -0.64
N ARG A 683 28.85 -18.91 -1.35
CA ARG A 683 28.99 -17.94 -2.47
C ARG A 683 28.54 -18.62 -3.77
N GLY A 684 28.08 -17.83 -4.75
CA GLY A 684 27.84 -18.22 -6.14
C GLY A 684 26.65 -19.14 -6.32
N GLU A 685 26.47 -19.70 -7.52
CA GLU A 685 25.36 -20.61 -7.85
C GLU A 685 25.62 -21.99 -7.25
N PHE A 686 24.56 -22.74 -6.93
CA PHE A 686 24.67 -24.08 -6.33
C PHE A 686 23.31 -24.75 -6.22
N SER A 687 23.38 -26.06 -6.00
CA SER A 687 22.26 -26.98 -5.72
C SER A 687 22.58 -27.73 -4.43
N ILE A 688 21.56 -28.14 -3.68
CA ILE A 688 21.69 -28.94 -2.43
C ILE A 688 20.41 -29.77 -2.26
N ASP A 689 20.57 -31.04 -1.88
CA ASP A 689 19.47 -32.02 -1.75
C ASP A 689 19.00 -32.00 -0.29
N LEU A 690 17.72 -31.66 -0.06
CA LEU A 690 17.15 -31.45 1.31
C LEU A 690 16.21 -32.62 1.64
N ASN A 691 16.17 -33.62 0.76
CA ASN A 691 15.30 -34.81 0.90
C ASN A 691 15.64 -35.55 2.19
N GLY A 692 16.93 -35.61 2.56
CA GLY A 692 17.42 -36.31 3.76
C GLY A 692 17.45 -35.43 4.99
N LYS A 693 16.86 -34.23 4.94
CA LYS A 693 16.92 -33.21 6.02
C LYS A 693 15.58 -33.15 6.74
N GLU A 694 15.59 -32.70 7.99
CA GLU A 694 14.38 -32.69 8.85
C GLU A 694 13.42 -31.64 8.27
N GLU A 695 12.27 -32.11 7.76
CA GLU A 695 11.15 -31.31 7.18
C GLU A 695 10.34 -30.62 8.30
N ASN A 696 10.16 -31.26 9.45
CA ASN A 696 9.22 -30.83 10.52
C ASN A 696 9.81 -29.66 11.30
N PHE A 697 8.98 -28.63 11.56
CA PHE A 697 9.26 -27.55 12.54
C PHE A 697 9.16 -28.14 13.94
N ASP A 698 9.71 -27.41 14.92
CA ASP A 698 9.69 -27.74 16.36
C ASP A 698 8.27 -27.60 16.93
N TRP A 699 7.48 -26.63 16.43
CA TRP A 699 6.17 -26.22 17.02
C TRP A 699 5.48 -27.46 17.51
N ASN A 700 5.04 -27.50 18.77
CA ASN A 700 4.28 -28.69 19.18
C ASN A 700 3.16 -28.27 20.11
N PHE A 701 2.13 -29.06 20.02
CA PHE A 701 0.84 -28.88 20.71
C PHE A 701 1.12 -28.66 22.21
N SER A 702 1.94 -29.54 22.82
CA SER A 702 2.09 -29.57 24.29
C SER A 702 2.73 -28.28 24.78
N THR A 703 3.79 -27.83 24.12
CA THR A 703 4.50 -26.58 24.49
C THR A 703 3.53 -25.40 24.35
N ALA A 704 2.84 -25.32 23.22
CA ALA A 704 1.92 -24.19 22.90
C ALA A 704 0.78 -24.19 23.92
N LEU A 705 0.22 -25.37 24.21
CA LEU A 705 -0.86 -25.52 25.21
C LEU A 705 -0.40 -24.97 26.55
N PHE A 706 0.79 -25.37 27.01
CA PHE A 706 1.31 -24.97 28.35
C PHE A 706 1.39 -23.43 28.36
N ARG A 707 1.94 -22.83 27.30
CA ARG A 707 2.15 -21.38 27.20
C ARG A 707 0.79 -20.66 27.25
N ARG A 708 -0.22 -21.14 26.53
CA ARG A 708 -1.51 -20.42 26.50
C ARG A 708 -2.13 -20.50 27.90
N LEU A 709 -2.12 -21.69 28.51
CA LEU A 709 -2.70 -21.83 29.88
C LEU A 709 -1.92 -20.94 30.86
N ASP A 710 -0.61 -20.84 30.71
CA ASP A 710 0.24 -20.19 31.72
C ASP A 710 0.01 -18.67 31.71
N ILE A 711 -0.18 -18.06 30.54
CA ILE A 711 -0.36 -16.58 30.50
C ILE A 711 -1.82 -16.25 30.85
N ALA A 712 -2.76 -17.17 30.70
CA ALA A 712 -4.20 -16.86 30.87
C ALA A 712 -4.50 -16.35 32.30
N GLU A 713 -5.34 -15.32 32.40
CA GLU A 713 -5.81 -14.78 33.71
C GLU A 713 -7.10 -15.52 34.04
N ILE A 714 -6.98 -16.81 34.26
CA ILE A 714 -8.08 -17.69 34.65
C ILE A 714 -7.66 -18.43 35.94
N SER A 715 -8.57 -19.23 36.45
CA SER A 715 -8.38 -19.97 37.73
C SER A 715 -7.31 -21.02 37.50
N TYR A 716 -6.46 -21.19 38.48
CA TYR A 716 -5.42 -22.23 38.43
C TYR A 716 -6.05 -23.63 38.39
N GLU A 717 -7.20 -23.84 39.03
CA GLU A 717 -7.87 -25.16 39.00
C GLU A 717 -8.27 -25.48 37.55
N GLN A 718 -8.75 -24.49 36.79
CA GLN A 718 -9.08 -24.69 35.34
C GLN A 718 -7.80 -25.01 34.56
N LYS A 719 -6.71 -24.27 34.76
CA LYS A 719 -5.43 -24.54 34.05
C LYS A 719 -5.01 -25.99 34.32
N ASP A 720 -5.02 -26.40 35.60
CA ASP A 720 -4.58 -27.75 36.03
C ASP A 720 -5.44 -28.79 35.31
N GLU A 721 -6.75 -28.61 35.32
CA GLU A 721 -7.66 -29.63 34.74
C GLU A 721 -7.47 -29.71 33.22
N ILE A 722 -7.33 -28.58 32.53
CA ILE A 722 -7.16 -28.58 31.05
C ILE A 722 -5.84 -29.28 30.71
N LEU A 723 -4.76 -28.94 31.39
CA LEU A 723 -3.43 -29.51 31.06
C LEU A 723 -3.50 -31.02 31.28
N GLN A 724 -4.08 -31.44 32.40
CA GLN A 724 -4.14 -32.88 32.80
C GLN A 724 -5.00 -33.63 31.78
N GLN A 725 -6.19 -33.12 31.45
CA GLN A 725 -7.19 -33.86 30.64
C GLN A 725 -6.68 -33.93 29.21
N LEU A 726 -6.12 -32.85 28.69
CA LEU A 726 -5.65 -32.84 27.29
C LEU A 726 -4.40 -33.70 27.16
N SER A 727 -3.61 -33.83 28.23
CA SER A 727 -2.42 -34.74 28.24
C SER A 727 -2.90 -36.19 28.31
N LEU A 728 -3.92 -36.49 29.10
CA LEU A 728 -4.37 -37.88 29.35
C LEU A 728 -5.20 -38.41 28.19
N ILE A 729 -6.15 -37.62 27.66
CA ILE A 729 -7.12 -38.10 26.63
C ILE A 729 -6.35 -38.25 25.32
N GLU A 730 -6.42 -39.45 24.73
CA GLU A 730 -5.57 -39.82 23.59
C GLU A 730 -6.28 -39.50 22.28
N GLU A 731 -7.58 -39.76 22.18
CA GLU A 731 -8.30 -39.62 20.89
C GLU A 731 -8.60 -38.14 20.65
N HIS A 732 -8.21 -37.65 19.48
CA HIS A 732 -8.37 -36.24 19.08
C HIS A 732 -9.84 -35.79 19.26
N GLU A 733 -10.79 -36.62 18.86
CA GLU A 733 -12.24 -36.26 18.89
C GLU A 733 -12.65 -36.06 20.36
N LYS A 734 -12.06 -36.82 21.29
CA LYS A 734 -12.40 -36.73 22.73
C LYS A 734 -11.68 -35.53 23.36
N GLN A 735 -10.50 -35.16 22.89
CA GLN A 735 -9.83 -33.90 23.32
C GLN A 735 -10.73 -32.72 22.95
N VAL A 736 -11.28 -32.76 21.74
CA VAL A 736 -12.18 -31.67 21.25
C VAL A 736 -13.47 -31.72 22.11
N ALA A 737 -14.07 -32.89 22.34
CA ALA A 737 -15.26 -32.99 23.21
C ALA A 737 -14.97 -32.40 24.62
N PHE A 738 -13.78 -32.64 25.17
CA PHE A 738 -13.41 -32.12 26.49
C PHE A 738 -13.42 -30.59 26.46
N ILE A 739 -12.78 -29.97 25.48
CA ILE A 739 -12.69 -28.47 25.44
C ILE A 739 -14.09 -27.91 25.16
N LYS A 740 -14.96 -28.68 24.50
CA LYS A 740 -16.33 -28.21 24.15
C LYS A 740 -17.17 -27.96 25.42
N THR A 741 -16.82 -28.58 26.53
CA THR A 741 -17.54 -28.43 27.82
C THR A 741 -17.02 -27.19 28.57
N ASN A 742 -16.02 -26.48 28.09
CA ASN A 742 -15.44 -25.38 28.89
C ASN A 742 -16.42 -24.21 28.96
N GLU A 743 -16.57 -23.60 30.16
CA GLU A 743 -17.52 -22.48 30.37
C GLU A 743 -16.96 -21.20 29.73
N ASN A 744 -15.67 -21.13 29.47
CA ASN A 744 -15.04 -19.95 28.81
C ASN A 744 -15.07 -20.17 27.29
N GLN A 745 -15.96 -19.48 26.61
CA GLN A 745 -16.22 -19.70 25.16
C GLN A 745 -15.00 -19.34 24.33
N GLU A 746 -14.33 -18.24 24.64
CA GLU A 746 -13.14 -17.83 23.89
C GLU A 746 -11.98 -18.78 24.19
N LEU A 747 -11.86 -19.27 25.43
CA LEU A 747 -10.82 -20.27 25.79
C LEU A 747 -11.09 -21.52 24.97
N GLN A 748 -12.34 -21.90 24.77
CA GLN A 748 -12.68 -23.04 23.87
C GLN A 748 -12.05 -22.82 22.50
N ASN A 749 -12.26 -21.63 21.91
CA ASN A 749 -11.80 -21.34 20.53
C ASN A 749 -10.28 -21.38 20.49
N SER A 750 -9.62 -20.86 21.52
CA SER A 750 -8.13 -20.86 21.57
C SER A 750 -7.63 -22.31 21.67
N LEU A 751 -8.20 -23.12 22.55
CA LEU A 751 -7.77 -24.54 22.68
C LEU A 751 -8.10 -25.28 21.38
N PHE A 752 -9.22 -24.96 20.75
CA PHE A 752 -9.60 -25.58 19.47
C PHE A 752 -8.56 -25.28 18.37
N GLU A 753 -8.07 -24.05 18.27
CA GLU A 753 -7.01 -23.72 17.29
C GLU A 753 -5.82 -24.66 17.50
N LEU A 754 -5.39 -24.86 18.74
CA LEU A 754 -4.23 -25.76 19.02
C LEU A 754 -4.58 -27.19 18.63
N LEU A 755 -5.76 -27.65 18.97
CA LEU A 755 -6.14 -29.03 18.60
C LEU A 755 -6.21 -29.17 17.09
N TYR A 756 -6.72 -28.16 16.39
CA TYR A 756 -6.86 -28.23 14.93
C TYR A 756 -5.46 -28.33 14.30
N SER A 757 -4.53 -27.51 14.75
CA SER A 757 -3.13 -27.53 14.25
C SER A 757 -2.48 -28.87 14.61
N GLY A 758 -2.82 -29.49 15.74
CA GLY A 758 -2.19 -30.74 16.22
C GLY A 758 -2.94 -31.99 15.76
N LYS A 759 -3.89 -31.89 14.83
CA LYS A 759 -4.78 -33.01 14.43
C LYS A 759 -3.99 -34.01 13.58
#